data_5NOD
# 
_entry.id   5NOD 
# 
_audit_conform.dict_name       mmcif_pdbx.dic 
_audit_conform.dict_version    5.383 
_audit_conform.dict_location   http://mmcif.pdb.org/dictionaries/ascii/mmcif_pdbx.dic 
# 
loop_
_database_2.database_id 
_database_2.database_code 
_database_2.pdbx_database_accession 
_database_2.pdbx_DOI 
PDB   5NOD         pdb_00005nod 10.2210/pdb5nod/pdb 
WWPDB D_1200003702 ?            ?                   
# 
loop_
_pdbx_audit_revision_history.ordinal 
_pdbx_audit_revision_history.data_content_type 
_pdbx_audit_revision_history.major_revision 
_pdbx_audit_revision_history.minor_revision 
_pdbx_audit_revision_history.revision_date 
1 'Structure model' 1 0 2017-11-08 
2 'Structure model' 1 1 2017-12-13 
3 'Structure model' 1 2 2018-01-31 
4 'Structure model' 1 3 2019-06-12 
5 'Structure model' 1 4 2024-01-17 
# 
_pdbx_audit_revision_details.ordinal             1 
_pdbx_audit_revision_details.revision_ordinal    1 
_pdbx_audit_revision_details.data_content_type   'Structure model' 
_pdbx_audit_revision_details.provider            repository 
_pdbx_audit_revision_details.type                'Initial release' 
_pdbx_audit_revision_details.description         ? 
_pdbx_audit_revision_details.details             ? 
# 
loop_
_pdbx_audit_revision_group.ordinal 
_pdbx_audit_revision_group.revision_ordinal 
_pdbx_audit_revision_group.data_content_type 
_pdbx_audit_revision_group.group 
1 2 'Structure model' 'Database references'    
2 3 'Structure model' 'Database references'    
3 4 'Structure model' 'Data collection'        
4 4 'Structure model' 'Structure summary'      
5 5 'Structure model' 'Data collection'        
6 5 'Structure model' 'Database references'    
7 5 'Structure model' 'Refinement description' 
# 
loop_
_pdbx_audit_revision_category.ordinal 
_pdbx_audit_revision_category.revision_ordinal 
_pdbx_audit_revision_category.data_content_type 
_pdbx_audit_revision_category.category 
1 2 'Structure model' citation                      
2 3 'Structure model' citation                      
3 4 'Structure model' audit_author                  
4 4 'Structure model' database_PDB_rev              
5 4 'Structure model' database_PDB_rev_record       
6 5 'Structure model' chem_comp_atom                
7 5 'Structure model' chem_comp_bond                
8 5 'Structure model' database_2                    
9 5 'Structure model' pdbx_initial_refinement_model 
# 
loop_
_pdbx_audit_revision_item.ordinal 
_pdbx_audit_revision_item.revision_ordinal 
_pdbx_audit_revision_item.data_content_type 
_pdbx_audit_revision_item.item 
1  2 'Structure model' '_citation.country'                   
2  2 'Structure model' '_citation.journal_abbrev'            
3  2 'Structure model' '_citation.journal_id_CSD'            
4  2 'Structure model' '_citation.journal_id_ISSN'           
5  2 'Structure model' '_citation.pdbx_database_id_DOI'      
6  2 'Structure model' '_citation.pdbx_database_id_PubMed'   
7  2 'Structure model' '_citation.title'                     
8  2 'Structure model' '_citation.year'                      
9  3 'Structure model' '_citation.journal_volume'            
10 3 'Structure model' '_citation.page_first'                
11 3 'Structure model' '_citation.page_last'                 
12 3 'Structure model' '_citation.year'                      
13 4 'Structure model' '_audit_author.name'                  
14 5 'Structure model' '_database_2.pdbx_DOI'                
15 5 'Structure model' '_database_2.pdbx_database_accession' 
# 
_pdbx_database_status.status_code                     REL 
_pdbx_database_status.status_code_sf                  REL 
_pdbx_database_status.status_code_mr                  ? 
_pdbx_database_status.entry_id                        5NOD 
_pdbx_database_status.recvd_initial_deposition_date   2017-04-12 
_pdbx_database_status.SG_entry                        N 
_pdbx_database_status.deposit_site                    PDBE 
_pdbx_database_status.process_site                    PDBE 
_pdbx_database_status.status_code_cs                  ? 
_pdbx_database_status.methods_development_category    ? 
_pdbx_database_status.pdb_format_compatible           Y 
_pdbx_database_status.status_code_nmr_data            ? 
# 
loop_
_audit_author.name 
_audit_author.pdbx_ordinal 
_audit_author.identifier_ORCID 
'Galisson, F.'         1 ? 
'Gueguen-Chaignon, V.' 2 ? 
'Gouet, P.'            3 ? 
'Grangeasse, C.'       4 ? 
'Zucchini, L.'         5 ? 
# 
_citation.abstract                  ? 
_citation.abstract_id_CAS           ? 
_citation.book_id_ISBN              ? 
_citation.book_publisher            ? 
_citation.book_publisher_city       ? 
_citation.book_title                ? 
_citation.coordinate_linkage        ? 
_citation.country                   UK 
_citation.database_id_Medline       ? 
_citation.details                   ? 
_citation.id                        primary 
_citation.journal_abbrev            'Nat Microbiol' 
_citation.journal_id_ASTM           ? 
_citation.journal_id_CSD            ? 
_citation.journal_id_ISSN           2058-5276 
_citation.journal_full              ? 
_citation.journal_issue             ? 
_citation.journal_volume            3 
_citation.language                  ? 
_citation.page_first                197 
_citation.page_last                 209 
_citation.title                     
'PASTA repeats of the protein kinase StkP interconnect cell constriction and separation of Streptococcus pneumoniae.' 
_citation.year                      2018 
_citation.database_id_CSD           ? 
_citation.pdbx_database_id_DOI      10.1038/s41564-017-0069-3 
_citation.pdbx_database_id_PubMed   29203882 
_citation.unpublished_flag          ? 
# 
loop_
_citation_author.citation_id 
_citation_author.name 
_citation_author.ordinal 
_citation_author.identifier_ORCID 
primary 'Zucchini, L.'         1  ? 
primary 'Mercy, C.'            2  ? 
primary 'Garcia, P.S.'         3  ? 
primary 'Cluzel, C.'           4  ? 
primary 'Gueguen-Chaignon, V.' 5  ? 
primary 'Galisson, F.'         6  ? 
primary 'Freton, C.'           7  ? 
primary 'Guiral, S.'           8  ? 
primary 'Brochier-Armanet, C.' 9  ? 
primary 'Gouet, P.'            10 ? 
primary 'Grangeasse, C.'       11 ? 
# 
loop_
_entity.id 
_entity.type 
_entity.src_method 
_entity.pdbx_description 
_entity.formula_weight 
_entity.pdbx_number_of_molecules 
_entity.pdbx_ec 
_entity.pdbx_mutation 
_entity.pdbx_fragment 
_entity.details 
1 polymer man 'Serine/threonine-protein kinase StkP' 9084.471 1  2.7.11.1 ? ? ? 
2 water   nat water                                  18.015   38 ?        ? ? ? 
# 
_entity_name_com.entity_id   1 
_entity_name_com.name        'Ser/Thr-protein kinase StkP,Eukaryotic-type Ser/Thr protein kinase,ESTPK' 
# 
_entity_poly.entity_id                      1 
_entity_poly.type                           'polypeptide(L)' 
_entity_poly.nstd_linkage                   no 
_entity_poly.nstd_monomer                   no 
_entity_poly.pdbx_seq_one_letter_code       
;GHMKVTSVAMPSYIGSSLEFTKNNLIQIVGIKEANIEVVEVTTAPAGSVEGMVVEQSPRAGEKVDLNKTRVKISIYKPKT
TSATP
;
_entity_poly.pdbx_seq_one_letter_code_can   
;GHMKVTSVAMPSYIGSSLEFTKNNLIQIVGIKEANIEVVEVTTAPAGSVEGMVVEQSPRAGEKVDLNKTRVKISIYKPKT
TSATP
;
_entity_poly.pdbx_strand_id                 A 
_entity_poly.pdbx_target_identifier         ? 
# 
_pdbx_entity_nonpoly.entity_id   2 
_pdbx_entity_nonpoly.name        water 
_pdbx_entity_nonpoly.comp_id     HOH 
# 
loop_
_entity_poly_seq.entity_id 
_entity_poly_seq.num 
_entity_poly_seq.mon_id 
_entity_poly_seq.hetero 
1 1  GLY n 
1 2  HIS n 
1 3  MET n 
1 4  LYS n 
1 5  VAL n 
1 6  THR n 
1 7  SER n 
1 8  VAL n 
1 9  ALA n 
1 10 MET n 
1 11 PRO n 
1 12 SER n 
1 13 TYR n 
1 14 ILE n 
1 15 GLY n 
1 16 SER n 
1 17 SER n 
1 18 LEU n 
1 19 GLU n 
1 20 PHE n 
1 21 THR n 
1 22 LYS n 
1 23 ASN n 
1 24 ASN n 
1 25 LEU n 
1 26 ILE n 
1 27 GLN n 
1 28 ILE n 
1 29 VAL n 
1 30 GLY n 
1 31 ILE n 
1 32 LYS n 
1 33 GLU n 
1 34 ALA n 
1 35 ASN n 
1 36 ILE n 
1 37 GLU n 
1 38 VAL n 
1 39 VAL n 
1 40 GLU n 
1 41 VAL n 
1 42 THR n 
1 43 THR n 
1 44 ALA n 
1 45 PRO n 
1 46 ALA n 
1 47 GLY n 
1 48 SER n 
1 49 VAL n 
1 50 GLU n 
1 51 GLY n 
1 52 MET n 
1 53 VAL n 
1 54 VAL n 
1 55 GLU n 
1 56 GLN n 
1 57 SER n 
1 58 PRO n 
1 59 ARG n 
1 60 ALA n 
1 61 GLY n 
1 62 GLU n 
1 63 LYS n 
1 64 VAL n 
1 65 ASP n 
1 66 LEU n 
1 67 ASN n 
1 68 LYS n 
1 69 THR n 
1 70 ARG n 
1 71 VAL n 
1 72 LYS n 
1 73 ILE n 
1 74 SER n 
1 75 ILE n 
1 76 TYR n 
1 77 LYS n 
1 78 PRO n 
1 79 LYS n 
1 80 THR n 
1 81 THR n 
1 82 SER n 
1 83 ALA n 
1 84 THR n 
1 85 PRO n 
# 
_entity_src_gen.entity_id                          1 
_entity_src_gen.pdbx_src_id                        1 
_entity_src_gen.pdbx_alt_source_flag               sample 
_entity_src_gen.pdbx_seq_type                      'Biological sequence' 
_entity_src_gen.pdbx_beg_seq_num                   1 
_entity_src_gen.pdbx_end_seq_num                   85 
_entity_src_gen.gene_src_common_name               ? 
_entity_src_gen.gene_src_genus                     ? 
_entity_src_gen.pdbx_gene_src_gene                 'stkP, pkn2, spr1577' 
_entity_src_gen.gene_src_species                   ? 
_entity_src_gen.gene_src_strain                    ? 
_entity_src_gen.gene_src_tissue                    ? 
_entity_src_gen.gene_src_tissue_fraction           ? 
_entity_src_gen.gene_src_details                   ? 
_entity_src_gen.pdbx_gene_src_fragment             ? 
_entity_src_gen.pdbx_gene_src_scientific_name      'Streptococcus pneumoniae (strain ATCC BAA-255 / R6)' 
_entity_src_gen.pdbx_gene_src_ncbi_taxonomy_id     171101 
_entity_src_gen.pdbx_gene_src_variant              ? 
_entity_src_gen.pdbx_gene_src_cell_line            ? 
_entity_src_gen.pdbx_gene_src_atcc                 ? 
_entity_src_gen.pdbx_gene_src_organ                ? 
_entity_src_gen.pdbx_gene_src_organelle            ? 
_entity_src_gen.pdbx_gene_src_cell                 ? 
_entity_src_gen.pdbx_gene_src_cellular_location    ? 
_entity_src_gen.host_org_common_name               ? 
_entity_src_gen.pdbx_host_org_scientific_name      'Escherichia coli' 
_entity_src_gen.pdbx_host_org_ncbi_taxonomy_id     562 
_entity_src_gen.host_org_genus                     ? 
_entity_src_gen.pdbx_host_org_gene                 ? 
_entity_src_gen.pdbx_host_org_organ                ? 
_entity_src_gen.host_org_species                   ? 
_entity_src_gen.pdbx_host_org_tissue               ? 
_entity_src_gen.pdbx_host_org_tissue_fraction      ? 
_entity_src_gen.pdbx_host_org_strain               ? 
_entity_src_gen.pdbx_host_org_variant              ? 
_entity_src_gen.pdbx_host_org_cell_line            ? 
_entity_src_gen.pdbx_host_org_atcc                 ? 
_entity_src_gen.pdbx_host_org_culture_collection   ? 
_entity_src_gen.pdbx_host_org_cell                 ? 
_entity_src_gen.pdbx_host_org_organelle            ? 
_entity_src_gen.pdbx_host_org_cellular_location    ? 
_entity_src_gen.pdbx_host_org_vector_type          ? 
_entity_src_gen.pdbx_host_org_vector               ? 
_entity_src_gen.host_org_details                   ? 
_entity_src_gen.expression_system_id               ? 
_entity_src_gen.plasmid_name                       ? 
_entity_src_gen.plasmid_details                    ? 
_entity_src_gen.pdbx_description                   ? 
# 
loop_
_chem_comp.id 
_chem_comp.type 
_chem_comp.mon_nstd_flag 
_chem_comp.name 
_chem_comp.pdbx_synonyms 
_chem_comp.formula 
_chem_comp.formula_weight 
ALA 'L-peptide linking' y ALANINE         ? 'C3 H7 N O2'     89.093  
ARG 'L-peptide linking' y ARGININE        ? 'C6 H15 N4 O2 1' 175.209 
ASN 'L-peptide linking' y ASPARAGINE      ? 'C4 H8 N2 O3'    132.118 
ASP 'L-peptide linking' y 'ASPARTIC ACID' ? 'C4 H7 N O4'     133.103 
GLN 'L-peptide linking' y GLUTAMINE       ? 'C5 H10 N2 O3'   146.144 
GLU 'L-peptide linking' y 'GLUTAMIC ACID' ? 'C5 H9 N O4'     147.129 
GLY 'peptide linking'   y GLYCINE         ? 'C2 H5 N O2'     75.067  
HIS 'L-peptide linking' y HISTIDINE       ? 'C6 H10 N3 O2 1' 156.162 
HOH non-polymer         . WATER           ? 'H2 O'           18.015  
ILE 'L-peptide linking' y ISOLEUCINE      ? 'C6 H13 N O2'    131.173 
LEU 'L-peptide linking' y LEUCINE         ? 'C6 H13 N O2'    131.173 
LYS 'L-peptide linking' y LYSINE          ? 'C6 H15 N2 O2 1' 147.195 
MET 'L-peptide linking' y METHIONINE      ? 'C5 H11 N O2 S'  149.211 
PHE 'L-peptide linking' y PHENYLALANINE   ? 'C9 H11 N O2'    165.189 
PRO 'L-peptide linking' y PROLINE         ? 'C5 H9 N O2'     115.130 
SER 'L-peptide linking' y SERINE          ? 'C3 H7 N O3'     105.093 
THR 'L-peptide linking' y THREONINE       ? 'C4 H9 N O3'     119.119 
TYR 'L-peptide linking' y TYROSINE        ? 'C9 H11 N O3'    181.189 
VAL 'L-peptide linking' y VALINE          ? 'C5 H11 N O2'    117.146 
# 
loop_
_pdbx_poly_seq_scheme.asym_id 
_pdbx_poly_seq_scheme.entity_id 
_pdbx_poly_seq_scheme.seq_id 
_pdbx_poly_seq_scheme.mon_id 
_pdbx_poly_seq_scheme.ndb_seq_num 
_pdbx_poly_seq_scheme.pdb_seq_num 
_pdbx_poly_seq_scheme.auth_seq_num 
_pdbx_poly_seq_scheme.pdb_mon_id 
_pdbx_poly_seq_scheme.auth_mon_id 
_pdbx_poly_seq_scheme.pdb_strand_id 
_pdbx_poly_seq_scheme.pdb_ins_code 
_pdbx_poly_seq_scheme.hetero 
A 1 1  GLY 1  575 ?   ?   ?   A . n 
A 1 2  HIS 2  576 ?   ?   ?   A . n 
A 1 3  MET 3  577 ?   ?   ?   A . n 
A 1 4  LYS 4  578 ?   ?   ?   A . n 
A 1 5  VAL 5  579 579 VAL VAL A . n 
A 1 6  THR 6  580 580 THR THR A . n 
A 1 7  SER 7  581 581 SER SER A . n 
A 1 8  VAL 8  582 582 VAL VAL A . n 
A 1 9  ALA 9  583 583 ALA ALA A . n 
A 1 10 MET 10 584 584 MET MET A . n 
A 1 11 PRO 11 585 585 PRO PRO A . n 
A 1 12 SER 12 586 586 SER SER A . n 
A 1 13 TYR 13 587 587 TYR TYR A . n 
A 1 14 ILE 14 588 588 ILE ILE A . n 
A 1 15 GLY 15 589 589 GLY GLY A . n 
A 1 16 SER 16 590 590 SER SER A . n 
A 1 17 SER 17 591 591 SER SER A . n 
A 1 18 LEU 18 592 592 LEU LEU A . n 
A 1 19 GLU 19 593 593 GLU GLU A . n 
A 1 20 PHE 20 594 594 PHE PHE A . n 
A 1 21 THR 21 595 595 THR THR A . n 
A 1 22 LYS 22 596 596 LYS LYS A . n 
A 1 23 ASN 23 597 597 ASN ASN A . n 
A 1 24 ASN 24 598 598 ASN ASN A . n 
A 1 25 LEU 25 599 599 LEU LEU A . n 
A 1 26 ILE 26 600 600 ILE ILE A . n 
A 1 27 GLN 27 601 601 GLN GLN A . n 
A 1 28 ILE 28 602 602 ILE ILE A . n 
A 1 29 VAL 29 603 603 VAL VAL A . n 
A 1 30 GLY 30 604 604 GLY GLY A . n 
A 1 31 ILE 31 605 605 ILE ILE A . n 
A 1 32 LYS 32 606 606 LYS LYS A . n 
A 1 33 GLU 33 607 607 GLU GLU A . n 
A 1 34 ALA 34 608 608 ALA ALA A . n 
A 1 35 ASN 35 609 609 ASN ASN A . n 
A 1 36 ILE 36 610 610 ILE ILE A . n 
A 1 37 GLU 37 611 611 GLU GLU A . n 
A 1 38 VAL 38 612 612 VAL VAL A . n 
A 1 39 VAL 39 613 613 VAL VAL A . n 
A 1 40 GLU 40 614 614 GLU GLU A . n 
A 1 41 VAL 41 615 615 VAL VAL A . n 
A 1 42 THR 42 616 616 THR THR A . n 
A 1 43 THR 43 617 617 THR THR A . n 
A 1 44 ALA 44 618 618 ALA ALA A . n 
A 1 45 PRO 45 619 619 PRO PRO A . n 
A 1 46 ALA 46 620 620 ALA ALA A . n 
A 1 47 GLY 47 621 621 GLY GLY A . n 
A 1 48 SER 48 622 622 SER SER A . n 
A 1 49 VAL 49 623 623 VAL VAL A . n 
A 1 50 GLU 50 624 624 GLU GLU A . n 
A 1 51 GLY 51 625 625 GLY GLY A . n 
A 1 52 MET 52 626 626 MET MET A . n 
A 1 53 VAL 53 627 627 VAL VAL A . n 
A 1 54 VAL 54 628 628 VAL VAL A . n 
A 1 55 GLU 55 629 629 GLU GLU A . n 
A 1 56 GLN 56 630 630 GLN GLN A . n 
A 1 57 SER 57 631 631 SER SER A . n 
A 1 58 PRO 58 632 632 PRO PRO A . n 
A 1 59 ARG 59 633 633 ARG ARG A . n 
A 1 60 ALA 60 634 634 ALA ALA A . n 
A 1 61 GLY 61 635 635 GLY GLY A . n 
A 1 62 GLU 62 636 636 GLU GLU A . n 
A 1 63 LYS 63 637 637 LYS LYS A . n 
A 1 64 VAL 64 638 638 VAL VAL A . n 
A 1 65 ASP 65 639 639 ASP ASP A . n 
A 1 66 LEU 66 640 640 LEU LEU A . n 
A 1 67 ASN 67 641 641 ASN ASN A . n 
A 1 68 LYS 68 642 642 LYS LYS A . n 
A 1 69 THR 69 643 643 THR THR A . n 
A 1 70 ARG 70 644 644 ARG ARG A . n 
A 1 71 VAL 71 645 645 VAL VAL A . n 
A 1 72 LYS 72 646 646 LYS LYS A . n 
A 1 73 ILE 73 647 647 ILE ILE A . n 
A 1 74 SER 74 648 648 SER SER A . n 
A 1 75 ILE 75 649 649 ILE ILE A . n 
A 1 76 TYR 76 650 650 TYR TYR A . n 
A 1 77 LYS 77 651 651 LYS LYS A . n 
A 1 78 PRO 78 652 652 PRO PRO A . n 
A 1 79 LYS 79 653 653 LYS LYS A . n 
A 1 80 THR 80 654 ?   ?   ?   A . n 
A 1 81 THR 81 655 ?   ?   ?   A . n 
A 1 82 SER 82 656 ?   ?   ?   A . n 
A 1 83 ALA 83 657 ?   ?   ?   A . n 
A 1 84 THR 84 658 ?   ?   ?   A . n 
A 1 85 PRO 85 659 ?   ?   ?   A . n 
# 
loop_
_pdbx_nonpoly_scheme.asym_id 
_pdbx_nonpoly_scheme.entity_id 
_pdbx_nonpoly_scheme.mon_id 
_pdbx_nonpoly_scheme.ndb_seq_num 
_pdbx_nonpoly_scheme.pdb_seq_num 
_pdbx_nonpoly_scheme.auth_seq_num 
_pdbx_nonpoly_scheme.pdb_mon_id 
_pdbx_nonpoly_scheme.auth_mon_id 
_pdbx_nonpoly_scheme.pdb_strand_id 
_pdbx_nonpoly_scheme.pdb_ins_code 
B 2 HOH 1  701 7  HOH HOH A . 
B 2 HOH 2  702 13 HOH HOH A . 
B 2 HOH 3  703 37 HOH HOH A . 
B 2 HOH 4  704 5  HOH HOH A . 
B 2 HOH 5  705 20 HOH HOH A . 
B 2 HOH 6  706 47 HOH HOH A . 
B 2 HOH 7  707 32 HOH HOH A . 
B 2 HOH 8  708 26 HOH HOH A . 
B 2 HOH 9  709 14 HOH HOH A . 
B 2 HOH 10 710 2  HOH HOH A . 
B 2 HOH 11 711 3  HOH HOH A . 
B 2 HOH 12 712 19 HOH HOH A . 
B 2 HOH 13 713 17 HOH HOH A . 
B 2 HOH 14 714 27 HOH HOH A . 
B 2 HOH 15 715 15 HOH HOH A . 
B 2 HOH 16 716 8  HOH HOH A . 
B 2 HOH 17 717 35 HOH HOH A . 
B 2 HOH 18 718 34 HOH HOH A . 
B 2 HOH 19 719 1  HOH HOH A . 
B 2 HOH 20 720 12 HOH HOH A . 
B 2 HOH 21 721 36 HOH HOH A . 
B 2 HOH 22 722 6  HOH HOH A . 
B 2 HOH 23 723 43 HOH HOH A . 
B 2 HOH 24 724 9  HOH HOH A . 
B 2 HOH 25 725 38 HOH HOH A . 
B 2 HOH 26 726 41 HOH HOH A . 
B 2 HOH 27 727 16 HOH HOH A . 
B 2 HOH 28 728 39 HOH HOH A . 
B 2 HOH 29 729 28 HOH HOH A . 
B 2 HOH 30 730 4  HOH HOH A . 
B 2 HOH 31 731 40 HOH HOH A . 
B 2 HOH 32 732 44 HOH HOH A . 
B 2 HOH 33 733 29 HOH HOH A . 
B 2 HOH 34 734 22 HOH HOH A . 
B 2 HOH 35 735 45 HOH HOH A . 
B 2 HOH 36 736 46 HOH HOH A . 
B 2 HOH 37 737 30 HOH HOH A . 
B 2 HOH 38 738 24 HOH HOH A . 
# 
loop_
_software.citation_id 
_software.classification 
_software.compiler_name 
_software.compiler_version 
_software.contact_author 
_software.contact_author_email 
_software.date 
_software.description 
_software.dependencies 
_software.hardware 
_software.language 
_software.location 
_software.mods 
_software.name 
_software.os 
_software.os_version 
_software.type 
_software.version 
_software.pdbx_ordinal 
? 'data reduction'  ? ? ? ? ? ? ? ? ? ? ? XDS         ? ? ? .           1 
? refinement        ? ? ? ? ? ? ? ? ? ? ? PHENIX      ? ? ? 1.11.1_2575 2 
? 'data extraction' ? ? ? ? ? ? ? ? ? ? ? PDB_EXTRACT ? ? ? 3.22        3 
? phasing           ? ? ? ? ? ? ? ? ? ? ? MOLREP      ? ? ? .           4 
? 'data scaling'    ? ? ? ? ? ? ? ? ? ? ? XSCALE      ? ? ? .           5 
# 
_cell.angle_alpha                  90.000 
_cell.angle_alpha_esd              ? 
_cell.angle_beta                   90.000 
_cell.angle_beta_esd               ? 
_cell.angle_gamma                  120.000 
_cell.angle_gamma_esd              ? 
_cell.entry_id                     5NOD 
_cell.details                      ? 
_cell.formula_units_Z              ? 
_cell.length_a                     87.760 
_cell.length_a_esd                 ? 
_cell.length_b                     87.760 
_cell.length_b_esd                 ? 
_cell.length_c                     40.958 
_cell.length_c_esd                 ? 
_cell.volume                       ? 
_cell.volume_esd                   ? 
_cell.Z_PDB                        12 
_cell.reciprocal_angle_alpha       ? 
_cell.reciprocal_angle_beta        ? 
_cell.reciprocal_angle_gamma       ? 
_cell.reciprocal_angle_alpha_esd   ? 
_cell.reciprocal_angle_beta_esd    ? 
_cell.reciprocal_angle_gamma_esd   ? 
_cell.reciprocal_length_a          ? 
_cell.reciprocal_length_b          ? 
_cell.reciprocal_length_c          ? 
_cell.reciprocal_length_a_esd      ? 
_cell.reciprocal_length_b_esd      ? 
_cell.reciprocal_length_c_esd      ? 
_cell.pdbx_unique_axis             ? 
# 
_symmetry.entry_id                         5NOD 
_symmetry.cell_setting                     ? 
_symmetry.Int_Tables_number                179 
_symmetry.space_group_name_Hall            ? 
_symmetry.space_group_name_H-M             'P 65 2 2' 
_symmetry.pdbx_full_space_group_name_H-M   ? 
# 
_exptl.absorpt_coefficient_mu     ? 
_exptl.absorpt_correction_T_max   ? 
_exptl.absorpt_correction_T_min   ? 
_exptl.absorpt_correction_type    ? 
_exptl.absorpt_process_details    ? 
_exptl.entry_id                   5NOD 
_exptl.crystals_number            1 
_exptl.details                    ? 
_exptl.method                     'X-RAY DIFFRACTION' 
_exptl.method_details             ? 
# 
_exptl_crystal.colour                      ? 
_exptl_crystal.density_diffrn              ? 
_exptl_crystal.density_Matthews            2.51 
_exptl_crystal.density_method              ? 
_exptl_crystal.density_percent_sol         50.92 
_exptl_crystal.description                 ? 
_exptl_crystal.F_000                       ? 
_exptl_crystal.id                          1 
_exptl_crystal.preparation                 ? 
_exptl_crystal.size_max                    ? 
_exptl_crystal.size_mid                    ? 
_exptl_crystal.size_min                    ? 
_exptl_crystal.size_rad                    ? 
_exptl_crystal.colour_lustre               ? 
_exptl_crystal.colour_modifier             ? 
_exptl_crystal.colour_primary              ? 
_exptl_crystal.density_meas                ? 
_exptl_crystal.density_meas_esd            ? 
_exptl_crystal.density_meas_gt             ? 
_exptl_crystal.density_meas_lt             ? 
_exptl_crystal.density_meas_temp           ? 
_exptl_crystal.density_meas_temp_esd       ? 
_exptl_crystal.density_meas_temp_gt        ? 
_exptl_crystal.density_meas_temp_lt        ? 
_exptl_crystal.pdbx_crystal_image_url      ? 
_exptl_crystal.pdbx_crystal_image_format   ? 
_exptl_crystal.pdbx_mosaicity              ? 
_exptl_crystal.pdbx_mosaicity_esd          ? 
# 
_exptl_crystal_grow.apparatus       ? 
_exptl_crystal_grow.atmosphere      ? 
_exptl_crystal_grow.crystal_id      1 
_exptl_crystal_grow.details         ? 
_exptl_crystal_grow.method          'VAPOR DIFFUSION, SITTING DROP' 
_exptl_crystal_grow.method_ref      ? 
_exptl_crystal_grow.pH              7.0 
_exptl_crystal_grow.pressure        ? 
_exptl_crystal_grow.pressure_esd    ? 
_exptl_crystal_grow.seeding         ? 
_exptl_crystal_grow.seeding_ref     ? 
_exptl_crystal_grow.temp            293 
_exptl_crystal_grow.temp_details    ? 
_exptl_crystal_grow.temp_esd        ? 
_exptl_crystal_grow.time            ? 
_exptl_crystal_grow.pdbx_details    
;15% PEG3350
0,1M Succinate pH 7.0
;
_exptl_crystal_grow.pdbx_pH_range   ? 
# 
_diffrn.ambient_environment    ? 
_diffrn.ambient_temp           100 
_diffrn.ambient_temp_details   ? 
_diffrn.ambient_temp_esd       ? 
_diffrn.crystal_id             1 
_diffrn.crystal_support        ? 
_diffrn.crystal_treatment      ? 
_diffrn.details                ? 
_diffrn.id                     1 
_diffrn.ambient_pressure       ? 
_diffrn.ambient_pressure_esd   ? 
_diffrn.ambient_pressure_gt    ? 
_diffrn.ambient_pressure_lt    ? 
_diffrn.ambient_temp_gt        ? 
_diffrn.ambient_temp_lt        ? 
# 
_diffrn_detector.details                      ? 
_diffrn_detector.detector                     PIXEL 
_diffrn_detector.diffrn_id                    1 
_diffrn_detector.type                         'DECTRIS PILATUS 2M' 
_diffrn_detector.area_resol_mean              ? 
_diffrn_detector.dtime                        ? 
_diffrn_detector.pdbx_frames_total            ? 
_diffrn_detector.pdbx_collection_time_total   ? 
_diffrn_detector.pdbx_collection_date         2013-10-18 
# 
_diffrn_radiation.collimation                      ? 
_diffrn_radiation.diffrn_id                        1 
_diffrn_radiation.filter_edge                      ? 
_diffrn_radiation.inhomogeneity                    ? 
_diffrn_radiation.monochromator                    ? 
_diffrn_radiation.polarisn_norm                    ? 
_diffrn_radiation.polarisn_ratio                   ? 
_diffrn_radiation.probe                            ? 
_diffrn_radiation.type                             ? 
_diffrn_radiation.xray_symbol                      ? 
_diffrn_radiation.wavelength_id                    1 
_diffrn_radiation.pdbx_monochromatic_or_laue_m_l   M 
_diffrn_radiation.pdbx_wavelength_list             ? 
_diffrn_radiation.pdbx_wavelength                  ? 
_diffrn_radiation.pdbx_diffrn_protocol             'SINGLE WAVELENGTH' 
_diffrn_radiation.pdbx_analyzer                    ? 
_diffrn_radiation.pdbx_scattering_type             x-ray 
# 
_diffrn_radiation_wavelength.id           1 
_diffrn_radiation_wavelength.wavelength   1.00003 
_diffrn_radiation_wavelength.wt           1.0 
# 
_diffrn_source.current                     ? 
_diffrn_source.details                     ? 
_diffrn_source.diffrn_id                   1 
_diffrn_source.power                       ? 
_diffrn_source.size                        ? 
_diffrn_source.source                      SYNCHROTRON 
_diffrn_source.target                      ? 
_diffrn_source.type                        'SLS BEAMLINE X06DA' 
_diffrn_source.voltage                     ? 
_diffrn_source.take-off_angle              ? 
_diffrn_source.pdbx_wavelength_list        1.00003 
_diffrn_source.pdbx_wavelength             ? 
_diffrn_source.pdbx_synchrotron_beamline   X06DA 
_diffrn_source.pdbx_synchrotron_site       SLS 
# 
_reflns.B_iso_Wilson_estimate            29.750 
_reflns.entry_id                         5NOD 
_reflns.data_reduction_details           ? 
_reflns.data_reduction_method            ? 
_reflns.d_resolution_high                1.900 
_reflns.d_resolution_low                 19.774 
_reflns.details                          ? 
_reflns.limit_h_max                      ? 
_reflns.limit_h_min                      ? 
_reflns.limit_k_max                      ? 
_reflns.limit_k_min                      ? 
_reflns.limit_l_max                      ? 
_reflns.limit_l_min                      ? 
_reflns.number_all                       ? 
_reflns.number_obs                       7718 
_reflns.observed_criterion               ? 
_reflns.observed_criterion_F_max         ? 
_reflns.observed_criterion_F_min         ? 
_reflns.observed_criterion_I_max         ? 
_reflns.observed_criterion_I_min         ? 
_reflns.observed_criterion_sigma_F       0 
_reflns.observed_criterion_sigma_I       -3.000 
_reflns.percent_possible_obs             99.900 
_reflns.R_free_details                   ? 
_reflns.Rmerge_F_all                     ? 
_reflns.Rmerge_F_obs                     ? 
_reflns.Friedel_coverage                 ? 
_reflns.number_gt                        ? 
_reflns.threshold_expression             ? 
_reflns.pdbx_redundancy                  12.386 
_reflns.pdbx_Rmerge_I_obs                0.042 
_reflns.pdbx_Rmerge_I_all                ? 
_reflns.pdbx_Rsym_value                  0.042 
_reflns.pdbx_netI_over_av_sigmaI         43.06 
_reflns.pdbx_netI_over_sigmaI            42.700 
_reflns.pdbx_res_netI_over_av_sigmaI_2   ? 
_reflns.pdbx_res_netI_over_sigmaI_2      ? 
_reflns.pdbx_chi_squared                 0.970 
_reflns.pdbx_scaling_rejects             ? 
_reflns.pdbx_d_res_high_opt              ? 
_reflns.pdbx_d_res_low_opt               ? 
_reflns.pdbx_d_res_opt_method            ? 
_reflns.phase_calculation_details        ? 
_reflns.pdbx_Rrim_I_all                  0.041 
_reflns.pdbx_Rpim_I_all                  0.012 
_reflns.pdbx_d_opt                       ? 
_reflns.pdbx_number_measured_all         ? 
_reflns.pdbx_diffrn_id                   1 
_reflns.pdbx_ordinal                     1 
_reflns.pdbx_CC_half                     1.000 
_reflns.pdbx_R_split                     ? 
# 
_reflns_shell.d_res_high                  1.900 
_reflns_shell.d_res_low                   1.950 
_reflns_shell.meanI_over_sigI_all         ? 
_reflns_shell.meanI_over_sigI_obs         4.670 
_reflns_shell.number_measured_all         ? 
_reflns_shell.number_measured_obs         ? 
_reflns_shell.number_possible             ? 
_reflns_shell.number_unique_all           ? 
_reflns_shell.number_unique_obs           550 
_reflns_shell.percent_possible_all        100.000 
_reflns_shell.percent_possible_obs        ? 
_reflns_shell.Rmerge_F_all                ? 
_reflns_shell.Rmerge_F_obs                ? 
_reflns_shell.Rmerge_I_all                ? 
_reflns_shell.Rmerge_I_obs                0.577 
_reflns_shell.meanI_over_sigI_gt          ? 
_reflns_shell.meanI_over_uI_all           ? 
_reflns_shell.meanI_over_uI_gt            ? 
_reflns_shell.number_measured_gt          ? 
_reflns_shell.number_unique_gt            ? 
_reflns_shell.percent_possible_gt         ? 
_reflns_shell.Rmerge_F_gt                 ? 
_reflns_shell.Rmerge_I_gt                 ? 
_reflns_shell.pdbx_redundancy             11.773 
_reflns_shell.pdbx_Rsym_value             0.577 
_reflns_shell.pdbx_chi_squared            ? 
_reflns_shell.pdbx_netI_over_sigmaI_all   ? 
_reflns_shell.pdbx_netI_over_sigmaI_obs   ? 
_reflns_shell.pdbx_Rrim_I_all             0.603 
_reflns_shell.pdbx_Rpim_I_all             0.164 
_reflns_shell.pdbx_rejects                ? 
_reflns_shell.pdbx_ordinal                1 
_reflns_shell.pdbx_diffrn_id              1 
_reflns_shell.pdbx_CC_half                0.943 
_reflns_shell.pdbx_R_split                ? 
# 
_refine.aniso_B[1][1]                            ? 
_refine.aniso_B[1][2]                            ? 
_refine.aniso_B[1][3]                            ? 
_refine.aniso_B[2][2]                            ? 
_refine.aniso_B[2][3]                            ? 
_refine.aniso_B[3][3]                            ? 
_refine.B_iso_max                                69.940 
_refine.B_iso_mean                               35.1098 
_refine.B_iso_min                                18.840 
_refine.correlation_coeff_Fo_to_Fc               ? 
_refine.correlation_coeff_Fo_to_Fc_free          ? 
_refine.details                                  ? 
_refine.diff_density_max                         ? 
_refine.diff_density_max_esd                     ? 
_refine.diff_density_min                         ? 
_refine.diff_density_min_esd                     ? 
_refine.diff_density_rms                         ? 
_refine.diff_density_rms_esd                     ? 
_refine.entry_id                                 5NOD 
_refine.pdbx_refine_id                           'X-RAY DIFFRACTION' 
_refine.ls_abs_structure_details                 ? 
_refine.ls_abs_structure_Flack                   ? 
_refine.ls_abs_structure_Flack_esd               ? 
_refine.ls_abs_structure_Rogers                  ? 
_refine.ls_abs_structure_Rogers_esd              ? 
_refine.ls_d_res_high                            1.9000 
_refine.ls_d_res_low                             19.7740 
_refine.ls_extinction_coef                       ? 
_refine.ls_extinction_coef_esd                   ? 
_refine.ls_extinction_expression                 ? 
_refine.ls_extinction_method                     ? 
_refine.ls_goodness_of_fit_all                   ? 
_refine.ls_goodness_of_fit_all_esd               ? 
_refine.ls_goodness_of_fit_obs                   ? 
_refine.ls_goodness_of_fit_obs_esd               ? 
_refine.ls_hydrogen_treatment                    ? 
_refine.ls_matrix_type                           ? 
_refine.ls_number_constraints                    ? 
_refine.ls_number_parameters                     ? 
_refine.ls_number_reflns_all                     ? 
_refine.ls_number_reflns_obs                     7716 
_refine.ls_number_reflns_R_free                  464 
_refine.ls_number_reflns_R_work                  ? 
_refine.ls_number_restraints                     ? 
_refine.ls_percent_reflns_obs                    99.9700 
_refine.ls_percent_reflns_R_free                 6.0100 
_refine.ls_R_factor_all                          ? 
_refine.ls_R_factor_obs                          0.2101 
_refine.ls_R_factor_R_free                       0.2245 
_refine.ls_R_factor_R_free_error                 ? 
_refine.ls_R_factor_R_free_error_details         ? 
_refine.ls_R_factor_R_work                       0.2091 
_refine.ls_R_Fsqd_factor_obs                     ? 
_refine.ls_R_I_factor_obs                        ? 
_refine.ls_redundancy_reflns_all                 ? 
_refine.ls_redundancy_reflns_obs                 ? 
_refine.ls_restrained_S_all                      ? 
_refine.ls_restrained_S_obs                      ? 
_refine.ls_shift_over_esd_max                    ? 
_refine.ls_shift_over_esd_mean                   ? 
_refine.ls_structure_factor_coef                 ? 
_refine.ls_weighting_details                     ? 
_refine.ls_weighting_scheme                      ? 
_refine.ls_wR_factor_all                         ? 
_refine.ls_wR_factor_obs                         ? 
_refine.ls_wR_factor_R_free                      ? 
_refine.ls_wR_factor_R_work                      ? 
_refine.occupancy_max                            ? 
_refine.occupancy_min                            ? 
_refine.solvent_model_details                    ? 
_refine.solvent_model_param_bsol                 ? 
_refine.solvent_model_param_ksol                 ? 
_refine.ls_R_factor_gt                           ? 
_refine.ls_goodness_of_fit_gt                    ? 
_refine.ls_goodness_of_fit_ref                   ? 
_refine.ls_shift_over_su_max                     ? 
_refine.ls_shift_over_su_max_lt                  ? 
_refine.ls_shift_over_su_mean                    ? 
_refine.ls_shift_over_su_mean_lt                 ? 
_refine.pdbx_ls_sigma_I                          ? 
_refine.pdbx_ls_sigma_F                          1.360 
_refine.pdbx_ls_sigma_Fsqd                       ? 
_refine.pdbx_data_cutoff_high_absF               ? 
_refine.pdbx_data_cutoff_high_rms_absF           ? 
_refine.pdbx_data_cutoff_low_absF                ? 
_refine.pdbx_isotropic_thermal_model             ? 
_refine.pdbx_ls_cross_valid_method               'FREE R-VALUE' 
_refine.pdbx_method_to_determine_struct          'MOLECULAR REPLACEMENT' 
_refine.pdbx_starting_model                      3OUV 
_refine.pdbx_stereochemistry_target_values       ? 
_refine.pdbx_R_Free_selection_details            ? 
_refine.pdbx_stereochem_target_val_spec_case     ? 
_refine.pdbx_overall_ESU_R                       ? 
_refine.pdbx_overall_ESU_R_Free                  ? 
_refine.pdbx_solvent_vdw_probe_radii             1.1100 
_refine.pdbx_solvent_ion_probe_radii             ? 
_refine.pdbx_solvent_shrinkage_radii             0.9000 
_refine.pdbx_real_space_R                        ? 
_refine.pdbx_density_correlation                 ? 
_refine.pdbx_pd_number_of_powder_patterns        ? 
_refine.pdbx_pd_number_of_points                 ? 
_refine.pdbx_pd_meas_number_of_points            ? 
_refine.pdbx_pd_proc_ls_prof_R_factor            ? 
_refine.pdbx_pd_proc_ls_prof_wR_factor           ? 
_refine.pdbx_pd_Marquardt_correlation_coeff      ? 
_refine.pdbx_pd_Fsqrd_R_factor                   ? 
_refine.pdbx_pd_ls_matrix_band_width             ? 
_refine.pdbx_overall_phase_error                 27.7500 
_refine.pdbx_overall_SU_R_free_Cruickshank_DPI   ? 
_refine.pdbx_overall_SU_R_free_Blow_DPI          ? 
_refine.pdbx_overall_SU_R_Blow_DPI               ? 
_refine.pdbx_TLS_residual_ADP_flag               ? 
_refine.pdbx_diffrn_id                           1 
_refine.overall_SU_B                             ? 
_refine.overall_SU_ML                            0.1300 
_refine.overall_SU_R_Cruickshank_DPI             ? 
_refine.overall_SU_R_free                        ? 
_refine.overall_FOM_free_R_set                   ? 
_refine.overall_FOM_work_R_set                   ? 
_refine.pdbx_average_fsc_overall                 ? 
_refine.pdbx_average_fsc_work                    ? 
_refine.pdbx_average_fsc_free                    ? 
# 
_refine_hist.cycle_id                         final 
_refine_hist.pdbx_refine_id                   'X-RAY DIFFRACTION' 
_refine_hist.d_res_high                       1.9000 
_refine_hist.d_res_low                        19.7740 
_refine_hist.pdbx_number_atoms_ligand         0 
_refine_hist.number_atoms_solvent             38 
_refine_hist.number_atoms_total               602 
_refine_hist.pdbx_number_residues_total       75 
_refine_hist.pdbx_B_iso_mean_solvent          40.38 
_refine_hist.pdbx_number_atoms_protein        564 
_refine_hist.pdbx_number_atoms_nucleic_acid   0 
# 
loop_
_refine_ls_restr.pdbx_refine_id 
_refine_ls_restr.criterion 
_refine_ls_restr.dev_ideal 
_refine_ls_restr.dev_ideal_target 
_refine_ls_restr.number 
_refine_ls_restr.rejects 
_refine_ls_restr.type 
_refine_ls_restr.weight 
_refine_ls_restr.pdbx_restraint_function 
'X-RAY DIFFRACTION' ? 0.008 ? 570 ? f_bond_d           ? ? 
'X-RAY DIFFRACTION' ? 0.863 ? 771 ? f_angle_d          ? ? 
'X-RAY DIFFRACTION' ? 0.057 ? 96  ? f_chiral_restr     ? ? 
'X-RAY DIFFRACTION' ? 0.004 ? 97  ? f_plane_restr      ? ? 
'X-RAY DIFFRACTION' ? 2.364 ? 358 ? f_dihedral_angle_d ? ? 
# 
loop_
_refine_ls_shell.pdbx_refine_id 
_refine_ls_shell.d_res_high 
_refine_ls_shell.d_res_low 
_refine_ls_shell.number_reflns_all 
_refine_ls_shell.number_reflns_obs 
_refine_ls_shell.number_reflns_R_free 
_refine_ls_shell.number_reflns_R_work 
_refine_ls_shell.percent_reflns_obs 
_refine_ls_shell.percent_reflns_R_free 
_refine_ls_shell.R_factor_all 
_refine_ls_shell.R_factor_obs 
_refine_ls_shell.R_factor_R_free 
_refine_ls_shell.R_factor_R_free_error 
_refine_ls_shell.R_factor_R_work 
_refine_ls_shell.redundancy_reflns_all 
_refine_ls_shell.redundancy_reflns_obs 
_refine_ls_shell.wR_factor_all 
_refine_ls_shell.wR_factor_obs 
_refine_ls_shell.wR_factor_R_free 
_refine_ls_shell.wR_factor_R_work 
_refine_ls_shell.pdbx_total_number_of_bins_used 
_refine_ls_shell.pdbx_phase_error 
_refine_ls_shell.pdbx_fsc_work 
_refine_ls_shell.pdbx_fsc_free 
'X-RAY DIFFRACTION' 1.9001 2.1747  2491 . 150 2341 100.0000 . . . 0.2502 0.0000 0.2034 . . . . . . 3 . . . 
'X-RAY DIFFRACTION' 2.1747 2.7387  2543 . 153 2390 100.0000 . . . 0.2749 0.0000 0.2271 . . . . . . 3 . . . 
'X-RAY DIFFRACTION' 2.7387 19.7748 2682 . 161 2521 100.0000 . . . 0.2033 0.0000 0.2039 . . . . . . 3 . . . 
# 
_struct.entry_id                     5NOD 
_struct.title                        'PASTA subunit 4 of Streptococcus pneumoniae STKP crystallized with PEG and succinate' 
_struct.pdbx_model_details           ? 
_struct.pdbx_formula_weight          ? 
_struct.pdbx_formula_weight_method   ? 
_struct.pdbx_model_type_details      ? 
_struct.pdbx_CASP_flag               N 
# 
_struct_keywords.entry_id        5NOD 
_struct_keywords.text            'PASTA, extracellular domain, Ser/Thr kinase, Streptococcus pneumoniae, transferase' 
_struct_keywords.pdbx_keywords   TRANSFERASE 
# 
loop_
_struct_asym.id 
_struct_asym.pdbx_blank_PDB_chainid_flag 
_struct_asym.pdbx_modified 
_struct_asym.entity_id 
_struct_asym.details 
A N N 1 ? 
B N N 2 ? 
# 
_struct_ref.id                         1 
_struct_ref.db_name                    UNP 
_struct_ref.db_code                    STKP_STRR6 
_struct_ref.pdbx_db_accession          Q8DNS0 
_struct_ref.pdbx_db_isoform            ? 
_struct_ref.entity_id                  1 
_struct_ref.pdbx_seq_one_letter_code   
;KVTSVAMPSYIGSSLEFTKNNLIQIVGIKEANIEVVEVTTAPAGSVEGMVVEQSPRAGEKVDLNKTRVKISIYKPKTTSA
TP
;
_struct_ref.pdbx_align_begin           578 
# 
_struct_ref_seq.align_id                      1 
_struct_ref_seq.ref_id                        1 
_struct_ref_seq.pdbx_PDB_id_code              5NOD 
_struct_ref_seq.pdbx_strand_id                A 
_struct_ref_seq.seq_align_beg                 4 
_struct_ref_seq.pdbx_seq_align_beg_ins_code   ? 
_struct_ref_seq.seq_align_end                 85 
_struct_ref_seq.pdbx_seq_align_end_ins_code   ? 
_struct_ref_seq.pdbx_db_accession             Q8DNS0 
_struct_ref_seq.db_align_beg                  578 
_struct_ref_seq.pdbx_db_align_beg_ins_code    ? 
_struct_ref_seq.db_align_end                  659 
_struct_ref_seq.pdbx_db_align_end_ins_code    ? 
_struct_ref_seq.pdbx_auth_seq_align_beg       578 
_struct_ref_seq.pdbx_auth_seq_align_end       659 
# 
loop_
_struct_ref_seq_dif.align_id 
_struct_ref_seq_dif.pdbx_pdb_id_code 
_struct_ref_seq_dif.mon_id 
_struct_ref_seq_dif.pdbx_pdb_strand_id 
_struct_ref_seq_dif.seq_num 
_struct_ref_seq_dif.pdbx_pdb_ins_code 
_struct_ref_seq_dif.pdbx_seq_db_name 
_struct_ref_seq_dif.pdbx_seq_db_accession_code 
_struct_ref_seq_dif.db_mon_id 
_struct_ref_seq_dif.pdbx_seq_db_seq_num 
_struct_ref_seq_dif.details 
_struct_ref_seq_dif.pdbx_auth_seq_num 
_struct_ref_seq_dif.pdbx_ordinal 
1 5NOD GLY A 1 ? UNP Q8DNS0 ? ? 'expression tag' 575 1 
1 5NOD HIS A 2 ? UNP Q8DNS0 ? ? 'expression tag' 576 2 
1 5NOD MET A 3 ? UNP Q8DNS0 ? ? 'expression tag' 577 3 
# 
_pdbx_struct_assembly.id                   1 
_pdbx_struct_assembly.details              author_and_software_defined_assembly 
_pdbx_struct_assembly.method_details       PISA 
_pdbx_struct_assembly.oligomeric_details   monomeric 
_pdbx_struct_assembly.oligomeric_count     1 
# 
loop_
_pdbx_struct_assembly_prop.biol_id 
_pdbx_struct_assembly_prop.type 
_pdbx_struct_assembly_prop.value 
_pdbx_struct_assembly_prop.details 
1 'ABSA (A^2)' 0    ? 
1 MORE         0    ? 
1 'SSA (A^2)'  4840 ? 
# 
_pdbx_struct_assembly_gen.assembly_id       1 
_pdbx_struct_assembly_gen.oper_expression   1 
_pdbx_struct_assembly_gen.asym_id_list      A,B 
# 
_pdbx_struct_assembly_auth_evidence.id                     1 
_pdbx_struct_assembly_auth_evidence.assembly_id            1 
_pdbx_struct_assembly_auth_evidence.experimental_support   'gel filtration' 
_pdbx_struct_assembly_auth_evidence.details                ? 
# 
_pdbx_struct_oper_list.id                   1 
_pdbx_struct_oper_list.type                 'identity operation' 
_pdbx_struct_oper_list.name                 1_555 
_pdbx_struct_oper_list.symmetry_operation   x,y,z 
_pdbx_struct_oper_list.matrix[1][1]         1.0000000000 
_pdbx_struct_oper_list.matrix[1][2]         0.0000000000 
_pdbx_struct_oper_list.matrix[1][3]         0.0000000000 
_pdbx_struct_oper_list.vector[1]            0.0000000000 
_pdbx_struct_oper_list.matrix[2][1]         0.0000000000 
_pdbx_struct_oper_list.matrix[2][2]         1.0000000000 
_pdbx_struct_oper_list.matrix[2][3]         0.0000000000 
_pdbx_struct_oper_list.vector[2]            0.0000000000 
_pdbx_struct_oper_list.matrix[3][1]         0.0000000000 
_pdbx_struct_oper_list.matrix[3][2]         0.0000000000 
_pdbx_struct_oper_list.matrix[3][3]         1.0000000000 
_pdbx_struct_oper_list.vector[3]            0.0000000000 
# 
loop_
_struct_conf.conf_type_id 
_struct_conf.id 
_struct_conf.pdbx_PDB_helix_id 
_struct_conf.beg_label_comp_id 
_struct_conf.beg_label_asym_id 
_struct_conf.beg_label_seq_id 
_struct_conf.pdbx_beg_PDB_ins_code 
_struct_conf.end_label_comp_id 
_struct_conf.end_label_asym_id 
_struct_conf.end_label_seq_id 
_struct_conf.pdbx_end_PDB_ins_code 
_struct_conf.beg_auth_comp_id 
_struct_conf.beg_auth_asym_id 
_struct_conf.beg_auth_seq_id 
_struct_conf.end_auth_comp_id 
_struct_conf.end_auth_asym_id 
_struct_conf.end_auth_seq_id 
_struct_conf.pdbx_PDB_helix_class 
_struct_conf.details 
_struct_conf.pdbx_PDB_helix_length 
HELX_P HELX_P1 AA1 SER A 17 ? ILE A 28 ? SER A 591 ILE A 602 1 ? 12 
HELX_P HELX_P2 AA2 LYS A 32 ? ALA A 34 ? LYS A 606 ALA A 608 5 ? 3  
# 
_struct_conf_type.id          HELX_P 
_struct_conf_type.criteria    ? 
_struct_conf_type.reference   ? 
# 
_struct_mon_prot_cis.pdbx_id                1 
_struct_mon_prot_cis.label_comp_id          SER 
_struct_mon_prot_cis.label_seq_id           57 
_struct_mon_prot_cis.label_asym_id          A 
_struct_mon_prot_cis.label_alt_id           . 
_struct_mon_prot_cis.pdbx_PDB_ins_code      ? 
_struct_mon_prot_cis.auth_comp_id           SER 
_struct_mon_prot_cis.auth_seq_id            631 
_struct_mon_prot_cis.auth_asym_id           A 
_struct_mon_prot_cis.pdbx_label_comp_id_2   PRO 
_struct_mon_prot_cis.pdbx_label_seq_id_2    58 
_struct_mon_prot_cis.pdbx_label_asym_id_2   A 
_struct_mon_prot_cis.pdbx_PDB_ins_code_2    ? 
_struct_mon_prot_cis.pdbx_auth_comp_id_2    PRO 
_struct_mon_prot_cis.pdbx_auth_seq_id_2     632 
_struct_mon_prot_cis.pdbx_auth_asym_id_2    A 
_struct_mon_prot_cis.pdbx_PDB_model_num     1 
_struct_mon_prot_cis.pdbx_omega_angle       -1.63 
# 
loop_
_struct_sheet.id 
_struct_sheet.type 
_struct_sheet.number_strands 
_struct_sheet.details 
AA1 ? 2 ? 
AA2 ? 3 ? 
# 
loop_
_struct_sheet_order.sheet_id 
_struct_sheet_order.range_id_1 
_struct_sheet_order.range_id_2 
_struct_sheet_order.offset 
_struct_sheet_order.sense 
AA1 1 2 ? anti-parallel 
AA2 1 2 ? parallel      
AA2 2 3 ? anti-parallel 
# 
loop_
_struct_sheet_range.sheet_id 
_struct_sheet_range.id 
_struct_sheet_range.beg_label_comp_id 
_struct_sheet_range.beg_label_asym_id 
_struct_sheet_range.beg_label_seq_id 
_struct_sheet_range.pdbx_beg_PDB_ins_code 
_struct_sheet_range.end_label_comp_id 
_struct_sheet_range.end_label_asym_id 
_struct_sheet_range.end_label_seq_id 
_struct_sheet_range.pdbx_end_PDB_ins_code 
_struct_sheet_range.beg_auth_comp_id 
_struct_sheet_range.beg_auth_asym_id 
_struct_sheet_range.beg_auth_seq_id 
_struct_sheet_range.end_auth_comp_id 
_struct_sheet_range.end_auth_asym_id 
_struct_sheet_range.end_auth_seq_id 
AA1 1 SER A 7  ? ALA A 9  ? SER A 581 ALA A 583 
AA1 2 LYS A 63 ? ASP A 65 ? LYS A 637 ASP A 639 
AA2 1 ILE A 36 ? VAL A 41 ? ILE A 610 VAL A 615 
AA2 2 VAL A 71 ? TYR A 76 ? VAL A 645 TYR A 650 
AA2 3 VAL A 53 ? SER A 57 ? VAL A 627 SER A 631 
# 
loop_
_pdbx_struct_sheet_hbond.sheet_id 
_pdbx_struct_sheet_hbond.range_id_1 
_pdbx_struct_sheet_hbond.range_id_2 
_pdbx_struct_sheet_hbond.range_1_label_atom_id 
_pdbx_struct_sheet_hbond.range_1_label_comp_id 
_pdbx_struct_sheet_hbond.range_1_label_asym_id 
_pdbx_struct_sheet_hbond.range_1_label_seq_id 
_pdbx_struct_sheet_hbond.range_1_PDB_ins_code 
_pdbx_struct_sheet_hbond.range_1_auth_atom_id 
_pdbx_struct_sheet_hbond.range_1_auth_comp_id 
_pdbx_struct_sheet_hbond.range_1_auth_asym_id 
_pdbx_struct_sheet_hbond.range_1_auth_seq_id 
_pdbx_struct_sheet_hbond.range_2_label_atom_id 
_pdbx_struct_sheet_hbond.range_2_label_comp_id 
_pdbx_struct_sheet_hbond.range_2_label_asym_id 
_pdbx_struct_sheet_hbond.range_2_label_seq_id 
_pdbx_struct_sheet_hbond.range_2_PDB_ins_code 
_pdbx_struct_sheet_hbond.range_2_auth_atom_id 
_pdbx_struct_sheet_hbond.range_2_auth_comp_id 
_pdbx_struct_sheet_hbond.range_2_auth_asym_id 
_pdbx_struct_sheet_hbond.range_2_auth_seq_id 
AA1 1 2 N VAL A 8  ? N VAL A 582 O VAL A 64 ? O VAL A 638 
AA2 1 2 N VAL A 41 ? N VAL A 615 O ILE A 75 ? O ILE A 649 
AA2 2 3 O SER A 74 ? O SER A 648 N GLU A 55 ? N GLU A 629 
# 
_pdbx_validate_torsion.id              1 
_pdbx_validate_torsion.PDB_model_num   1 
_pdbx_validate_torsion.auth_comp_id    THR 
_pdbx_validate_torsion.auth_asym_id    A 
_pdbx_validate_torsion.auth_seq_id     580 
_pdbx_validate_torsion.PDB_ins_code    ? 
_pdbx_validate_torsion.label_alt_id    ? 
_pdbx_validate_torsion.phi             -103.20 
_pdbx_validate_torsion.psi             70.62 
# 
loop_
_pdbx_unobs_or_zero_occ_residues.id 
_pdbx_unobs_or_zero_occ_residues.PDB_model_num 
_pdbx_unobs_or_zero_occ_residues.polymer_flag 
_pdbx_unobs_or_zero_occ_residues.occupancy_flag 
_pdbx_unobs_or_zero_occ_residues.auth_asym_id 
_pdbx_unobs_or_zero_occ_residues.auth_comp_id 
_pdbx_unobs_or_zero_occ_residues.auth_seq_id 
_pdbx_unobs_or_zero_occ_residues.PDB_ins_code 
_pdbx_unobs_or_zero_occ_residues.label_asym_id 
_pdbx_unobs_or_zero_occ_residues.label_comp_id 
_pdbx_unobs_or_zero_occ_residues.label_seq_id 
1  1 Y 1 A GLY 575 ? A GLY 1  
2  1 Y 1 A HIS 576 ? A HIS 2  
3  1 Y 1 A MET 577 ? A MET 3  
4  1 Y 1 A LYS 578 ? A LYS 4  
5  1 Y 1 A THR 654 ? A THR 80 
6  1 Y 1 A THR 655 ? A THR 81 
7  1 Y 1 A SER 656 ? A SER 82 
8  1 Y 1 A ALA 657 ? A ALA 83 
9  1 Y 1 A THR 658 ? A THR 84 
10 1 Y 1 A PRO 659 ? A PRO 85 
# 
loop_
_chem_comp_atom.comp_id 
_chem_comp_atom.atom_id 
_chem_comp_atom.type_symbol 
_chem_comp_atom.pdbx_aromatic_flag 
_chem_comp_atom.pdbx_stereo_config 
_chem_comp_atom.pdbx_ordinal 
ALA N    N N N 1   
ALA CA   C N S 2   
ALA C    C N N 3   
ALA O    O N N 4   
ALA CB   C N N 5   
ALA OXT  O N N 6   
ALA H    H N N 7   
ALA H2   H N N 8   
ALA HA   H N N 9   
ALA HB1  H N N 10  
ALA HB2  H N N 11  
ALA HB3  H N N 12  
ALA HXT  H N N 13  
ARG N    N N N 14  
ARG CA   C N S 15  
ARG C    C N N 16  
ARG O    O N N 17  
ARG CB   C N N 18  
ARG CG   C N N 19  
ARG CD   C N N 20  
ARG NE   N N N 21  
ARG CZ   C N N 22  
ARG NH1  N N N 23  
ARG NH2  N N N 24  
ARG OXT  O N N 25  
ARG H    H N N 26  
ARG H2   H N N 27  
ARG HA   H N N 28  
ARG HB2  H N N 29  
ARG HB3  H N N 30  
ARG HG2  H N N 31  
ARG HG3  H N N 32  
ARG HD2  H N N 33  
ARG HD3  H N N 34  
ARG HE   H N N 35  
ARG HH11 H N N 36  
ARG HH12 H N N 37  
ARG HH21 H N N 38  
ARG HH22 H N N 39  
ARG HXT  H N N 40  
ASN N    N N N 41  
ASN CA   C N S 42  
ASN C    C N N 43  
ASN O    O N N 44  
ASN CB   C N N 45  
ASN CG   C N N 46  
ASN OD1  O N N 47  
ASN ND2  N N N 48  
ASN OXT  O N N 49  
ASN H    H N N 50  
ASN H2   H N N 51  
ASN HA   H N N 52  
ASN HB2  H N N 53  
ASN HB3  H N N 54  
ASN HD21 H N N 55  
ASN HD22 H N N 56  
ASN HXT  H N N 57  
ASP N    N N N 58  
ASP CA   C N S 59  
ASP C    C N N 60  
ASP O    O N N 61  
ASP CB   C N N 62  
ASP CG   C N N 63  
ASP OD1  O N N 64  
ASP OD2  O N N 65  
ASP OXT  O N N 66  
ASP H    H N N 67  
ASP H2   H N N 68  
ASP HA   H N N 69  
ASP HB2  H N N 70  
ASP HB3  H N N 71  
ASP HD2  H N N 72  
ASP HXT  H N N 73  
GLN N    N N N 74  
GLN CA   C N S 75  
GLN C    C N N 76  
GLN O    O N N 77  
GLN CB   C N N 78  
GLN CG   C N N 79  
GLN CD   C N N 80  
GLN OE1  O N N 81  
GLN NE2  N N N 82  
GLN OXT  O N N 83  
GLN H    H N N 84  
GLN H2   H N N 85  
GLN HA   H N N 86  
GLN HB2  H N N 87  
GLN HB3  H N N 88  
GLN HG2  H N N 89  
GLN HG3  H N N 90  
GLN HE21 H N N 91  
GLN HE22 H N N 92  
GLN HXT  H N N 93  
GLU N    N N N 94  
GLU CA   C N S 95  
GLU C    C N N 96  
GLU O    O N N 97  
GLU CB   C N N 98  
GLU CG   C N N 99  
GLU CD   C N N 100 
GLU OE1  O N N 101 
GLU OE2  O N N 102 
GLU OXT  O N N 103 
GLU H    H N N 104 
GLU H2   H N N 105 
GLU HA   H N N 106 
GLU HB2  H N N 107 
GLU HB3  H N N 108 
GLU HG2  H N N 109 
GLU HG3  H N N 110 
GLU HE2  H N N 111 
GLU HXT  H N N 112 
GLY N    N N N 113 
GLY CA   C N N 114 
GLY C    C N N 115 
GLY O    O N N 116 
GLY OXT  O N N 117 
GLY H    H N N 118 
GLY H2   H N N 119 
GLY HA2  H N N 120 
GLY HA3  H N N 121 
GLY HXT  H N N 122 
HIS N    N N N 123 
HIS CA   C N S 124 
HIS C    C N N 125 
HIS O    O N N 126 
HIS CB   C N N 127 
HIS CG   C Y N 128 
HIS ND1  N Y N 129 
HIS CD2  C Y N 130 
HIS CE1  C Y N 131 
HIS NE2  N Y N 132 
HIS OXT  O N N 133 
HIS H    H N N 134 
HIS H2   H N N 135 
HIS HA   H N N 136 
HIS HB2  H N N 137 
HIS HB3  H N N 138 
HIS HD1  H N N 139 
HIS HD2  H N N 140 
HIS HE1  H N N 141 
HIS HE2  H N N 142 
HIS HXT  H N N 143 
HOH O    O N N 144 
HOH H1   H N N 145 
HOH H2   H N N 146 
ILE N    N N N 147 
ILE CA   C N S 148 
ILE C    C N N 149 
ILE O    O N N 150 
ILE CB   C N S 151 
ILE CG1  C N N 152 
ILE CG2  C N N 153 
ILE CD1  C N N 154 
ILE OXT  O N N 155 
ILE H    H N N 156 
ILE H2   H N N 157 
ILE HA   H N N 158 
ILE HB   H N N 159 
ILE HG12 H N N 160 
ILE HG13 H N N 161 
ILE HG21 H N N 162 
ILE HG22 H N N 163 
ILE HG23 H N N 164 
ILE HD11 H N N 165 
ILE HD12 H N N 166 
ILE HD13 H N N 167 
ILE HXT  H N N 168 
LEU N    N N N 169 
LEU CA   C N S 170 
LEU C    C N N 171 
LEU O    O N N 172 
LEU CB   C N N 173 
LEU CG   C N N 174 
LEU CD1  C N N 175 
LEU CD2  C N N 176 
LEU OXT  O N N 177 
LEU H    H N N 178 
LEU H2   H N N 179 
LEU HA   H N N 180 
LEU HB2  H N N 181 
LEU HB3  H N N 182 
LEU HG   H N N 183 
LEU HD11 H N N 184 
LEU HD12 H N N 185 
LEU HD13 H N N 186 
LEU HD21 H N N 187 
LEU HD22 H N N 188 
LEU HD23 H N N 189 
LEU HXT  H N N 190 
LYS N    N N N 191 
LYS CA   C N S 192 
LYS C    C N N 193 
LYS O    O N N 194 
LYS CB   C N N 195 
LYS CG   C N N 196 
LYS CD   C N N 197 
LYS CE   C N N 198 
LYS NZ   N N N 199 
LYS OXT  O N N 200 
LYS H    H N N 201 
LYS H2   H N N 202 
LYS HA   H N N 203 
LYS HB2  H N N 204 
LYS HB3  H N N 205 
LYS HG2  H N N 206 
LYS HG3  H N N 207 
LYS HD2  H N N 208 
LYS HD3  H N N 209 
LYS HE2  H N N 210 
LYS HE3  H N N 211 
LYS HZ1  H N N 212 
LYS HZ2  H N N 213 
LYS HZ3  H N N 214 
LYS HXT  H N N 215 
MET N    N N N 216 
MET CA   C N S 217 
MET C    C N N 218 
MET O    O N N 219 
MET CB   C N N 220 
MET CG   C N N 221 
MET SD   S N N 222 
MET CE   C N N 223 
MET OXT  O N N 224 
MET H    H N N 225 
MET H2   H N N 226 
MET HA   H N N 227 
MET HB2  H N N 228 
MET HB3  H N N 229 
MET HG2  H N N 230 
MET HG3  H N N 231 
MET HE1  H N N 232 
MET HE2  H N N 233 
MET HE3  H N N 234 
MET HXT  H N N 235 
PHE N    N N N 236 
PHE CA   C N S 237 
PHE C    C N N 238 
PHE O    O N N 239 
PHE CB   C N N 240 
PHE CG   C Y N 241 
PHE CD1  C Y N 242 
PHE CD2  C Y N 243 
PHE CE1  C Y N 244 
PHE CE2  C Y N 245 
PHE CZ   C Y N 246 
PHE OXT  O N N 247 
PHE H    H N N 248 
PHE H2   H N N 249 
PHE HA   H N N 250 
PHE HB2  H N N 251 
PHE HB3  H N N 252 
PHE HD1  H N N 253 
PHE HD2  H N N 254 
PHE HE1  H N N 255 
PHE HE2  H N N 256 
PHE HZ   H N N 257 
PHE HXT  H N N 258 
PRO N    N N N 259 
PRO CA   C N S 260 
PRO C    C N N 261 
PRO O    O N N 262 
PRO CB   C N N 263 
PRO CG   C N N 264 
PRO CD   C N N 265 
PRO OXT  O N N 266 
PRO H    H N N 267 
PRO HA   H N N 268 
PRO HB2  H N N 269 
PRO HB3  H N N 270 
PRO HG2  H N N 271 
PRO HG3  H N N 272 
PRO HD2  H N N 273 
PRO HD3  H N N 274 
PRO HXT  H N N 275 
SER N    N N N 276 
SER CA   C N S 277 
SER C    C N N 278 
SER O    O N N 279 
SER CB   C N N 280 
SER OG   O N N 281 
SER OXT  O N N 282 
SER H    H N N 283 
SER H2   H N N 284 
SER HA   H N N 285 
SER HB2  H N N 286 
SER HB3  H N N 287 
SER HG   H N N 288 
SER HXT  H N N 289 
THR N    N N N 290 
THR CA   C N S 291 
THR C    C N N 292 
THR O    O N N 293 
THR CB   C N R 294 
THR OG1  O N N 295 
THR CG2  C N N 296 
THR OXT  O N N 297 
THR H    H N N 298 
THR H2   H N N 299 
THR HA   H N N 300 
THR HB   H N N 301 
THR HG1  H N N 302 
THR HG21 H N N 303 
THR HG22 H N N 304 
THR HG23 H N N 305 
THR HXT  H N N 306 
TYR N    N N N 307 
TYR CA   C N S 308 
TYR C    C N N 309 
TYR O    O N N 310 
TYR CB   C N N 311 
TYR CG   C Y N 312 
TYR CD1  C Y N 313 
TYR CD2  C Y N 314 
TYR CE1  C Y N 315 
TYR CE2  C Y N 316 
TYR CZ   C Y N 317 
TYR OH   O N N 318 
TYR OXT  O N N 319 
TYR H    H N N 320 
TYR H2   H N N 321 
TYR HA   H N N 322 
TYR HB2  H N N 323 
TYR HB3  H N N 324 
TYR HD1  H N N 325 
TYR HD2  H N N 326 
TYR HE1  H N N 327 
TYR HE2  H N N 328 
TYR HH   H N N 329 
TYR HXT  H N N 330 
VAL N    N N N 331 
VAL CA   C N S 332 
VAL C    C N N 333 
VAL O    O N N 334 
VAL CB   C N N 335 
VAL CG1  C N N 336 
VAL CG2  C N N 337 
VAL OXT  O N N 338 
VAL H    H N N 339 
VAL H2   H N N 340 
VAL HA   H N N 341 
VAL HB   H N N 342 
VAL HG11 H N N 343 
VAL HG12 H N N 344 
VAL HG13 H N N 345 
VAL HG21 H N N 346 
VAL HG22 H N N 347 
VAL HG23 H N N 348 
VAL HXT  H N N 349 
# 
loop_
_chem_comp_bond.comp_id 
_chem_comp_bond.atom_id_1 
_chem_comp_bond.atom_id_2 
_chem_comp_bond.value_order 
_chem_comp_bond.pdbx_aromatic_flag 
_chem_comp_bond.pdbx_stereo_config 
_chem_comp_bond.pdbx_ordinal 
ALA N   CA   sing N N 1   
ALA N   H    sing N N 2   
ALA N   H2   sing N N 3   
ALA CA  C    sing N N 4   
ALA CA  CB   sing N N 5   
ALA CA  HA   sing N N 6   
ALA C   O    doub N N 7   
ALA C   OXT  sing N N 8   
ALA CB  HB1  sing N N 9   
ALA CB  HB2  sing N N 10  
ALA CB  HB3  sing N N 11  
ALA OXT HXT  sing N N 12  
ARG N   CA   sing N N 13  
ARG N   H    sing N N 14  
ARG N   H2   sing N N 15  
ARG CA  C    sing N N 16  
ARG CA  CB   sing N N 17  
ARG CA  HA   sing N N 18  
ARG C   O    doub N N 19  
ARG C   OXT  sing N N 20  
ARG CB  CG   sing N N 21  
ARG CB  HB2  sing N N 22  
ARG CB  HB3  sing N N 23  
ARG CG  CD   sing N N 24  
ARG CG  HG2  sing N N 25  
ARG CG  HG3  sing N N 26  
ARG CD  NE   sing N N 27  
ARG CD  HD2  sing N N 28  
ARG CD  HD3  sing N N 29  
ARG NE  CZ   sing N N 30  
ARG NE  HE   sing N N 31  
ARG CZ  NH1  sing N N 32  
ARG CZ  NH2  doub N N 33  
ARG NH1 HH11 sing N N 34  
ARG NH1 HH12 sing N N 35  
ARG NH2 HH21 sing N N 36  
ARG NH2 HH22 sing N N 37  
ARG OXT HXT  sing N N 38  
ASN N   CA   sing N N 39  
ASN N   H    sing N N 40  
ASN N   H2   sing N N 41  
ASN CA  C    sing N N 42  
ASN CA  CB   sing N N 43  
ASN CA  HA   sing N N 44  
ASN C   O    doub N N 45  
ASN C   OXT  sing N N 46  
ASN CB  CG   sing N N 47  
ASN CB  HB2  sing N N 48  
ASN CB  HB3  sing N N 49  
ASN CG  OD1  doub N N 50  
ASN CG  ND2  sing N N 51  
ASN ND2 HD21 sing N N 52  
ASN ND2 HD22 sing N N 53  
ASN OXT HXT  sing N N 54  
ASP N   CA   sing N N 55  
ASP N   H    sing N N 56  
ASP N   H2   sing N N 57  
ASP CA  C    sing N N 58  
ASP CA  CB   sing N N 59  
ASP CA  HA   sing N N 60  
ASP C   O    doub N N 61  
ASP C   OXT  sing N N 62  
ASP CB  CG   sing N N 63  
ASP CB  HB2  sing N N 64  
ASP CB  HB3  sing N N 65  
ASP CG  OD1  doub N N 66  
ASP CG  OD2  sing N N 67  
ASP OD2 HD2  sing N N 68  
ASP OXT HXT  sing N N 69  
GLN N   CA   sing N N 70  
GLN N   H    sing N N 71  
GLN N   H2   sing N N 72  
GLN CA  C    sing N N 73  
GLN CA  CB   sing N N 74  
GLN CA  HA   sing N N 75  
GLN C   O    doub N N 76  
GLN C   OXT  sing N N 77  
GLN CB  CG   sing N N 78  
GLN CB  HB2  sing N N 79  
GLN CB  HB3  sing N N 80  
GLN CG  CD   sing N N 81  
GLN CG  HG2  sing N N 82  
GLN CG  HG3  sing N N 83  
GLN CD  OE1  doub N N 84  
GLN CD  NE2  sing N N 85  
GLN NE2 HE21 sing N N 86  
GLN NE2 HE22 sing N N 87  
GLN OXT HXT  sing N N 88  
GLU N   CA   sing N N 89  
GLU N   H    sing N N 90  
GLU N   H2   sing N N 91  
GLU CA  C    sing N N 92  
GLU CA  CB   sing N N 93  
GLU CA  HA   sing N N 94  
GLU C   O    doub N N 95  
GLU C   OXT  sing N N 96  
GLU CB  CG   sing N N 97  
GLU CB  HB2  sing N N 98  
GLU CB  HB3  sing N N 99  
GLU CG  CD   sing N N 100 
GLU CG  HG2  sing N N 101 
GLU CG  HG3  sing N N 102 
GLU CD  OE1  doub N N 103 
GLU CD  OE2  sing N N 104 
GLU OE2 HE2  sing N N 105 
GLU OXT HXT  sing N N 106 
GLY N   CA   sing N N 107 
GLY N   H    sing N N 108 
GLY N   H2   sing N N 109 
GLY CA  C    sing N N 110 
GLY CA  HA2  sing N N 111 
GLY CA  HA3  sing N N 112 
GLY C   O    doub N N 113 
GLY C   OXT  sing N N 114 
GLY OXT HXT  sing N N 115 
HIS N   CA   sing N N 116 
HIS N   H    sing N N 117 
HIS N   H2   sing N N 118 
HIS CA  C    sing N N 119 
HIS CA  CB   sing N N 120 
HIS CA  HA   sing N N 121 
HIS C   O    doub N N 122 
HIS C   OXT  sing N N 123 
HIS CB  CG   sing N N 124 
HIS CB  HB2  sing N N 125 
HIS CB  HB3  sing N N 126 
HIS CG  ND1  sing Y N 127 
HIS CG  CD2  doub Y N 128 
HIS ND1 CE1  doub Y N 129 
HIS ND1 HD1  sing N N 130 
HIS CD2 NE2  sing Y N 131 
HIS CD2 HD2  sing N N 132 
HIS CE1 NE2  sing Y N 133 
HIS CE1 HE1  sing N N 134 
HIS NE2 HE2  sing N N 135 
HIS OXT HXT  sing N N 136 
HOH O   H1   sing N N 137 
HOH O   H2   sing N N 138 
ILE N   CA   sing N N 139 
ILE N   H    sing N N 140 
ILE N   H2   sing N N 141 
ILE CA  C    sing N N 142 
ILE CA  CB   sing N N 143 
ILE CA  HA   sing N N 144 
ILE C   O    doub N N 145 
ILE C   OXT  sing N N 146 
ILE CB  CG1  sing N N 147 
ILE CB  CG2  sing N N 148 
ILE CB  HB   sing N N 149 
ILE CG1 CD1  sing N N 150 
ILE CG1 HG12 sing N N 151 
ILE CG1 HG13 sing N N 152 
ILE CG2 HG21 sing N N 153 
ILE CG2 HG22 sing N N 154 
ILE CG2 HG23 sing N N 155 
ILE CD1 HD11 sing N N 156 
ILE CD1 HD12 sing N N 157 
ILE CD1 HD13 sing N N 158 
ILE OXT HXT  sing N N 159 
LEU N   CA   sing N N 160 
LEU N   H    sing N N 161 
LEU N   H2   sing N N 162 
LEU CA  C    sing N N 163 
LEU CA  CB   sing N N 164 
LEU CA  HA   sing N N 165 
LEU C   O    doub N N 166 
LEU C   OXT  sing N N 167 
LEU CB  CG   sing N N 168 
LEU CB  HB2  sing N N 169 
LEU CB  HB3  sing N N 170 
LEU CG  CD1  sing N N 171 
LEU CG  CD2  sing N N 172 
LEU CG  HG   sing N N 173 
LEU CD1 HD11 sing N N 174 
LEU CD1 HD12 sing N N 175 
LEU CD1 HD13 sing N N 176 
LEU CD2 HD21 sing N N 177 
LEU CD2 HD22 sing N N 178 
LEU CD2 HD23 sing N N 179 
LEU OXT HXT  sing N N 180 
LYS N   CA   sing N N 181 
LYS N   H    sing N N 182 
LYS N   H2   sing N N 183 
LYS CA  C    sing N N 184 
LYS CA  CB   sing N N 185 
LYS CA  HA   sing N N 186 
LYS C   O    doub N N 187 
LYS C   OXT  sing N N 188 
LYS CB  CG   sing N N 189 
LYS CB  HB2  sing N N 190 
LYS CB  HB3  sing N N 191 
LYS CG  CD   sing N N 192 
LYS CG  HG2  sing N N 193 
LYS CG  HG3  sing N N 194 
LYS CD  CE   sing N N 195 
LYS CD  HD2  sing N N 196 
LYS CD  HD3  sing N N 197 
LYS CE  NZ   sing N N 198 
LYS CE  HE2  sing N N 199 
LYS CE  HE3  sing N N 200 
LYS NZ  HZ1  sing N N 201 
LYS NZ  HZ2  sing N N 202 
LYS NZ  HZ3  sing N N 203 
LYS OXT HXT  sing N N 204 
MET N   CA   sing N N 205 
MET N   H    sing N N 206 
MET N   H2   sing N N 207 
MET CA  C    sing N N 208 
MET CA  CB   sing N N 209 
MET CA  HA   sing N N 210 
MET C   O    doub N N 211 
MET C   OXT  sing N N 212 
MET CB  CG   sing N N 213 
MET CB  HB2  sing N N 214 
MET CB  HB3  sing N N 215 
MET CG  SD   sing N N 216 
MET CG  HG2  sing N N 217 
MET CG  HG3  sing N N 218 
MET SD  CE   sing N N 219 
MET CE  HE1  sing N N 220 
MET CE  HE2  sing N N 221 
MET CE  HE3  sing N N 222 
MET OXT HXT  sing N N 223 
PHE N   CA   sing N N 224 
PHE N   H    sing N N 225 
PHE N   H2   sing N N 226 
PHE CA  C    sing N N 227 
PHE CA  CB   sing N N 228 
PHE CA  HA   sing N N 229 
PHE C   O    doub N N 230 
PHE C   OXT  sing N N 231 
PHE CB  CG   sing N N 232 
PHE CB  HB2  sing N N 233 
PHE CB  HB3  sing N N 234 
PHE CG  CD1  doub Y N 235 
PHE CG  CD2  sing Y N 236 
PHE CD1 CE1  sing Y N 237 
PHE CD1 HD1  sing N N 238 
PHE CD2 CE2  doub Y N 239 
PHE CD2 HD2  sing N N 240 
PHE CE1 CZ   doub Y N 241 
PHE CE1 HE1  sing N N 242 
PHE CE2 CZ   sing Y N 243 
PHE CE2 HE2  sing N N 244 
PHE CZ  HZ   sing N N 245 
PHE OXT HXT  sing N N 246 
PRO N   CA   sing N N 247 
PRO N   CD   sing N N 248 
PRO N   H    sing N N 249 
PRO CA  C    sing N N 250 
PRO CA  CB   sing N N 251 
PRO CA  HA   sing N N 252 
PRO C   O    doub N N 253 
PRO C   OXT  sing N N 254 
PRO CB  CG   sing N N 255 
PRO CB  HB2  sing N N 256 
PRO CB  HB3  sing N N 257 
PRO CG  CD   sing N N 258 
PRO CG  HG2  sing N N 259 
PRO CG  HG3  sing N N 260 
PRO CD  HD2  sing N N 261 
PRO CD  HD3  sing N N 262 
PRO OXT HXT  sing N N 263 
SER N   CA   sing N N 264 
SER N   H    sing N N 265 
SER N   H2   sing N N 266 
SER CA  C    sing N N 267 
SER CA  CB   sing N N 268 
SER CA  HA   sing N N 269 
SER C   O    doub N N 270 
SER C   OXT  sing N N 271 
SER CB  OG   sing N N 272 
SER CB  HB2  sing N N 273 
SER CB  HB3  sing N N 274 
SER OG  HG   sing N N 275 
SER OXT HXT  sing N N 276 
THR N   CA   sing N N 277 
THR N   H    sing N N 278 
THR N   H2   sing N N 279 
THR CA  C    sing N N 280 
THR CA  CB   sing N N 281 
THR CA  HA   sing N N 282 
THR C   O    doub N N 283 
THR C   OXT  sing N N 284 
THR CB  OG1  sing N N 285 
THR CB  CG2  sing N N 286 
THR CB  HB   sing N N 287 
THR OG1 HG1  sing N N 288 
THR CG2 HG21 sing N N 289 
THR CG2 HG22 sing N N 290 
THR CG2 HG23 sing N N 291 
THR OXT HXT  sing N N 292 
TYR N   CA   sing N N 293 
TYR N   H    sing N N 294 
TYR N   H2   sing N N 295 
TYR CA  C    sing N N 296 
TYR CA  CB   sing N N 297 
TYR CA  HA   sing N N 298 
TYR C   O    doub N N 299 
TYR C   OXT  sing N N 300 
TYR CB  CG   sing N N 301 
TYR CB  HB2  sing N N 302 
TYR CB  HB3  sing N N 303 
TYR CG  CD1  doub Y N 304 
TYR CG  CD2  sing Y N 305 
TYR CD1 CE1  sing Y N 306 
TYR CD1 HD1  sing N N 307 
TYR CD2 CE2  doub Y N 308 
TYR CD2 HD2  sing N N 309 
TYR CE1 CZ   doub Y N 310 
TYR CE1 HE1  sing N N 311 
TYR CE2 CZ   sing Y N 312 
TYR CE2 HE2  sing N N 313 
TYR CZ  OH   sing N N 314 
TYR OH  HH   sing N N 315 
TYR OXT HXT  sing N N 316 
VAL N   CA   sing N N 317 
VAL N   H    sing N N 318 
VAL N   H2   sing N N 319 
VAL CA  C    sing N N 320 
VAL CA  CB   sing N N 321 
VAL CA  HA   sing N N 322 
VAL C   O    doub N N 323 
VAL C   OXT  sing N N 324 
VAL CB  CG1  sing N N 325 
VAL CB  CG2  sing N N 326 
VAL CB  HB   sing N N 327 
VAL CG1 HG11 sing N N 328 
VAL CG1 HG12 sing N N 329 
VAL CG1 HG13 sing N N 330 
VAL CG2 HG21 sing N N 331 
VAL CG2 HG22 sing N N 332 
VAL CG2 HG23 sing N N 333 
VAL OXT HXT  sing N N 334 
# 
_pdbx_initial_refinement_model.id               1 
_pdbx_initial_refinement_model.entity_id_list   ? 
_pdbx_initial_refinement_model.type             'experimental model' 
_pdbx_initial_refinement_model.source_name      PDB 
_pdbx_initial_refinement_model.accession_code   3OUV 
_pdbx_initial_refinement_model.details          ? 
# 
_atom_sites.entry_id                    5NOD 
_atom_sites.fract_transf_matrix[1][1]   0.00701335 
_atom_sites.fract_transf_matrix[1][2]   0.00711064 
_atom_sites.fract_transf_matrix[1][3]   0.00856627 
_atom_sites.fract_transf_matrix[2][1]   0.01044655 
_atom_sites.fract_transf_matrix[2][2]   0.00684823 
_atom_sites.fract_transf_matrix[2][3]   -0.00413256 
_atom_sites.fract_transf_matrix[3][1]   -0.01433869 
_atom_sites.fract_transf_matrix[3][2]   0.01929292 
_atom_sites.fract_transf_matrix[3][3]   -0.00427522 
_atom_sites.fract_transf_vector[1]      0.678377 
_atom_sites.fract_transf_vector[2]      0.092892 
_atom_sites.fract_transf_vector[3]      0.780151 
# 
loop_
_atom_type.symbol 
C 
N 
O 
S 
# 
loop_
_atom_site.group_PDB 
_atom_site.id 
_atom_site.type_symbol 
_atom_site.label_atom_id 
_atom_site.label_alt_id 
_atom_site.label_comp_id 
_atom_site.label_asym_id 
_atom_site.label_entity_id 
_atom_site.label_seq_id 
_atom_site.pdbx_PDB_ins_code 
_atom_site.Cartn_x 
_atom_site.Cartn_y 
_atom_site.Cartn_z 
_atom_site.occupancy 
_atom_site.B_iso_or_equiv 
_atom_site.pdbx_formal_charge 
_atom_site.auth_seq_id 
_atom_site.auth_comp_id 
_atom_site.auth_asym_id 
_atom_site.auth_atom_id 
_atom_site.pdbx_PDB_model_num 
ATOM   1   N N   . VAL A 1 5  ? 4.540   10.976  -19.787 1.00 69.69 ? 579 VAL A N   1 
ATOM   2   C CA  . VAL A 1 5  ? 3.668   10.728  -18.645 1.00 69.94 ? 579 VAL A CA  1 
ATOM   3   C C   . VAL A 1 5  ? 4.389   9.874   -17.594 1.00 68.19 ? 579 VAL A C   1 
ATOM   4   O O   . VAL A 1 5  ? 4.963   8.827   -17.916 1.00 65.44 ? 579 VAL A O   1 
ATOM   5   C CB  . VAL A 1 5  ? 2.346   10.062  -19.089 1.00 68.63 ? 579 VAL A CB  1 
ATOM   6   C CG1 . VAL A 1 5  ? 1.352   10.042  -17.943 1.00 65.83 ? 579 VAL A CG1 1 
ATOM   7   C CG2 . VAL A 1 5  ? 1.754   10.799  -20.281 1.00 65.73 ? 579 VAL A CG2 1 
ATOM   8   N N   . THR A 1 6  ? 4.352   10.333  -16.339 1.00 68.09 ? 580 THR A N   1 
ATOM   9   C CA  . THR A 1 6  ? 5.013   9.646   -15.224 1.00 63.24 ? 580 THR A CA  1 
ATOM   10  C C   . THR A 1 6  ? 3.970   8.897   -14.389 1.00 58.93 ? 580 THR A C   1 
ATOM   11  O O   . THR A 1 6  ? 3.635   9.259   -13.257 1.00 51.65 ? 580 THR A O   1 
ATOM   12  C CB  . THR A 1 6  ? 5.800   10.643  -14.377 1.00 63.59 ? 580 THR A CB  1 
ATOM   13  O OG1 . THR A 1 6  ? 4.901   11.623  -13.838 1.00 64.03 ? 580 THR A OG1 1 
ATOM   14  C CG2 . THR A 1 6  ? 6.875   11.336  -15.225 1.00 65.84 ? 580 THR A CG2 1 
ATOM   15  N N   . SER A 1 7  ? 3.448   7.831   -14.991 1.00 56.91 ? 581 SER A N   1 
ATOM   16  C CA  . SER A 1 7  ? 2.455   6.967   -14.369 1.00 50.75 ? 581 SER A CA  1 
ATOM   17  C C   . SER A 1 7  ? 2.868   5.527   -14.610 1.00 48.03 ? 581 SER A C   1 
ATOM   18  O O   . SER A 1 7  ? 3.145   5.139   -15.753 1.00 49.47 ? 581 SER A O   1 
ATOM   19  C CB  . SER A 1 7  ? 1.048   7.208   -14.933 1.00 51.95 ? 581 SER A CB  1 
ATOM   20  O OG  . SER A 1 7  ? 0.848   8.577   -15.245 1.00 60.18 ? 581 SER A OG  1 
ATOM   21  N N   . VAL A 1 8  ? 2.940   4.749   -13.533 1.00 42.17 ? 582 VAL A N   1 
ATOM   22  C CA  . VAL A 1 8  ? 3.333   3.353   -13.614 1.00 35.98 ? 582 VAL A CA  1 
ATOM   23  C C   . VAL A 1 8  ? 2.195   2.509   -13.048 1.00 32.13 ? 582 VAL A C   1 
ATOM   24  O O   . VAL A 1 8  ? 1.205   3.023   -12.525 1.00 32.27 ? 582 VAL A O   1 
ATOM   25  C CB  . VAL A 1 8  ? 4.662   3.068   -12.881 1.00 37.91 ? 582 VAL A CB  1 
ATOM   26  C CG1 . VAL A 1 8  ? 5.798   3.947   -13.439 1.00 40.42 ? 582 VAL A CG1 1 
ATOM   27  C CG2 . VAL A 1 8  ? 4.503   3.289   -11.390 1.00 33.93 ? 582 VAL A CG2 1 
ATOM   28  N N   . ALA A 1 9  ? 2.339   1.199   -13.167 1.00 28.77 ? 583 ALA A N   1 
ATOM   29  C CA  . ALA A 1 9  ? 1.350   0.300   -12.591 1.00 26.66 ? 583 ALA A CA  1 
ATOM   30  C C   . ALA A 1 9  ? 1.636   0.114   -11.110 1.00 24.77 ? 583 ALA A C   1 
ATOM   31  O O   . ALA A 1 9  ? 2.790   0.009   -10.700 1.00 23.62 ? 583 ALA A O   1 
ATOM   32  C CB  . ALA A 1 9  ? 1.364   -1.050  -13.308 1.00 25.67 ? 583 ALA A CB  1 
ATOM   33  N N   . MET A 1 10 ? 0.579   0.042   -10.313 1.00 22.76 ? 584 MET A N   1 
ATOM   34  C CA  . MET A 1 10 ? 0.739   -0.153  -8.881  1.00 22.52 ? 584 MET A CA  1 
ATOM   35  C C   . MET A 1 10 ? 1.117   -1.604  -8.580  1.00 21.79 ? 584 MET A C   1 
ATOM   36  O O   . MET A 1 10 ? 0.406   -2.525  -9.007  1.00 22.39 ? 584 MET A O   1 
ATOM   37  C CB  . MET A 1 10 ? -0.555  0.208   -8.173  1.00 25.82 ? 584 MET A CB  1 
ATOM   38  C CG  . MET A 1 10 ? -0.500  0.042   -6.692  1.00 24.19 ? 584 MET A CG  1 
ATOM   39  S SD  . MET A 1 10 ? 0.417   1.415   -5.962  1.00 25.37 ? 584 MET A SD  1 
ATOM   40  C CE  . MET A 1 10 ? -0.047  1.173   -4.269  1.00 24.01 ? 584 MET A CE  1 
ATOM   41  N N   . PRO A 1 11 ? 2.212   -1.846  -7.859  1.00 22.06 ? 585 PRO A N   1 
ATOM   42  C CA  . PRO A 1 11 ? 2.536   -3.215  -7.435  1.00 22.21 ? 585 PRO A CA  1 
ATOM   43  C C   . PRO A 1 11 ? 1.463   -3.761  -6.510  1.00 23.30 ? 585 PRO A C   1 
ATOM   44  O O   . PRO A 1 11 ? 0.760   -3.013  -5.830  1.00 23.67 ? 585 PRO A O   1 
ATOM   45  C CB  . PRO A 1 11 ? 3.859   -3.050  -6.683  1.00 21.96 ? 585 PRO A CB  1 
ATOM   46  C CG  . PRO A 1 11 ? 4.447   -1.773  -7.207  1.00 23.38 ? 585 PRO A CG  1 
ATOM   47  C CD  . PRO A 1 11 ? 3.253   -0.891  -7.441  1.00 21.06 ? 585 PRO A CD  1 
ATOM   48  N N   . SER A 1 12 ? 1.356   -5.091  -6.467  1.00 22.84 ? 586 SER A N   1 
ATOM   49  C CA  . SER A 1 12 ? 0.453   -5.755  -5.528  1.00 23.87 ? 586 SER A CA  1 
ATOM   50  C C   . SER A 1 12 ? 1.188   -5.931  -4.202  1.00 23.85 ? 586 SER A C   1 
ATOM   51  O O   . SER A 1 12 ? 2.170   -6.673  -4.130  1.00 26.88 ? 586 SER A O   1 
ATOM   52  C CB  . SER A 1 12 ? -0.009  -7.111  -6.066  1.00 26.30 ? 586 SER A CB  1 
ATOM   53  O OG  . SER A 1 12 ? -0.778  -7.777  -5.074  1.00 26.19 ? 586 SER A OG  1 
ATOM   54  N N   . TYR A 1 13 ? 0.736   -5.237  -3.159  1.00 22.17 ? 587 TYR A N   1 
ATOM   55  C CA  . TYR A 1 13 ? 1.366   -5.344  -1.852  1.00 21.71 ? 587 TYR A CA  1 
ATOM   56  C C   . TYR A 1 13 ? 0.602   -6.218  -0.870  1.00 23.83 ? 587 TYR A C   1 
ATOM   57  O O   . TYR A 1 13 ? 1.092   -6.456  0.246   1.00 21.16 ? 587 TYR A O   1 
ATOM   58  C CB  . TYR A 1 13 ? 1.523   -3.955  -1.250  1.00 21.43 ? 587 TYR A CB  1 
ATOM   59  C CG  . TYR A 1 13 ? 2.512   -3.106  -2.012  1.00 21.00 ? 587 TYR A CG  1 
ATOM   60  C CD1 . TYR A 1 13 ? 3.876   -3.403  -1.994  1.00 20.77 ? 587 TYR A CD1 1 
ATOM   61  C CD2 . TYR A 1 13 ? 2.086   -2.000  -2.728  1.00 20.87 ? 587 TYR A CD2 1 
ATOM   62  C CE1 . TYR A 1 13 ? 4.799   -2.607  -2.682  1.00 19.01 ? 587 TYR A CE1 1 
ATOM   63  C CE2 . TYR A 1 13 ? 3.001   -1.201  -3.430  1.00 19.97 ? 587 TYR A CE2 1 
ATOM   64  C CZ  . TYR A 1 13 ? 4.346   -1.506  -3.380  1.00 18.84 ? 587 TYR A CZ  1 
ATOM   65  O OH  . TYR A 1 13 ? 5.219   -0.706  -4.084  1.00 22.73 ? 587 TYR A OH  1 
ATOM   66  N N   . ILE A 1 14 ? -0.584  -6.693  -1.243  1.00 21.81 ? 588 ILE A N   1 
ATOM   67  C CA  . ILE A 1 14 ? -1.397  -7.478  -0.308  1.00 24.97 ? 588 ILE A CA  1 
ATOM   68  C C   . ILE A 1 14 ? -0.609  -8.677  0.205   1.00 23.95 ? 588 ILE A C   1 
ATOM   69  O O   . ILE A 1 14 ? -0.004  -9.419  -0.570  1.00 23.63 ? 588 ILE A O   1 
ATOM   70  C CB  . ILE A 1 14 ? -2.692  -7.919  -0.997  1.00 26.26 ? 588 ILE A CB  1 
ATOM   71  C CG1 . ILE A 1 14 ? -3.374  -6.713  -1.645  1.00 27.62 ? 588 ILE A CG1 1 
ATOM   72  C CG2 . ILE A 1 14 ? -3.574  -8.724  -0.034  1.00 26.52 ? 588 ILE A CG2 1 
ATOM   73  C CD1 . ILE A 1 14 ? -4.140  -5.858  -0.724  1.00 29.34 ? 588 ILE A CD1 1 
ATOM   74  N N   . GLY A 1 15 ? -0.620  -8.879  1.520   1.00 22.29 ? 589 GLY A N   1 
ATOM   75  C CA  . GLY A 1 15 ? 0.102   -9.972  2.127   1.00 24.39 ? 589 GLY A CA  1 
ATOM   76  C C   . GLY A 1 15 ? 1.518   -9.643  2.553   1.00 26.69 ? 589 GLY A C   1 
ATOM   77  O O   . GLY A 1 15 ? 2.166   -10.493 3.172   1.00 26.58 ? 589 GLY A O   1 
ATOM   78  N N   . SER A 1 16 ? 2.011   -8.440  2.244   1.00 23.78 ? 590 SER A N   1 
ATOM   79  C CA  . SER A 1 16 ? 3.352   -7.986  2.598   1.00 23.49 ? 590 SER A CA  1 
ATOM   80  C C   . SER A 1 16 ? 3.314   -7.186  3.888   1.00 26.58 ? 590 SER A C   1 
ATOM   81  O O   . SER A 1 16 ? 2.254   -6.740  4.340   1.00 25.43 ? 590 SER A O   1 
ATOM   82  C CB  . SER A 1 16 ? 3.944   -7.105  1.492   1.00 24.82 ? 590 SER A CB  1 
ATOM   83  O OG  . SER A 1 16 ? 4.362   -7.904  0.412   1.00 34.97 ? 590 SER A OG  1 
ATOM   84  N N   . SER A 1 17 ? 4.492   -6.992  4.471   1.00 23.14 ? 591 SER A N   1 
ATOM   85  C CA  . SER A 1 17 ? 4.595   -6.159  5.658   1.00 24.46 ? 591 SER A CA  1 
ATOM   86  C C   . SER A 1 17 ? 4.508   -4.682  5.288   1.00 24.72 ? 591 SER A C   1 
ATOM   87  O O   . SER A 1 17 ? 4.749   -4.269  4.144   1.00 23.08 ? 591 SER A O   1 
ATOM   88  C CB  . SER A 1 17 ? 5.899   -6.441  6.406   1.00 26.54 ? 591 SER A CB  1 
ATOM   89  O OG  . SER A 1 17 ? 7.008   -5.911  5.694   1.00 26.62 ? 591 SER A OG  1 
ATOM   90  N N   . LEU A 1 18 ? 4.140   -3.874  6.285   1.00 25.52 ? 592 LEU A N   1 
ATOM   91  C CA  . LEU A 1 18 ? 4.094   -2.431  6.084   1.00 25.75 ? 592 LEU A CA  1 
ATOM   92  C C   . LEU A 1 18 ? 5.475   -1.885  5.756   1.00 24.59 ? 592 LEU A C   1 
ATOM   93  O O   . LEU A 1 18 ? 5.625   -1.063  4.845   1.00 24.29 ? 592 LEU A O   1 
ATOM   94  C CB  . LEU A 1 18 ? 3.538   -1.744  7.331   1.00 29.72 ? 592 LEU A CB  1 
ATOM   95  C CG  . LEU A 1 18 ? 3.561   -0.220  7.273   1.00 29.25 ? 592 LEU A CG  1 
ATOM   96  C CD1 . LEU A 1 18 ? 2.672   0.282   6.156   1.00 32.66 ? 592 LEU A CD1 1 
ATOM   97  C CD2 . LEU A 1 18 ? 3.129   0.379   8.611   1.00 32.32 ? 592 LEU A CD2 1 
ATOM   98  N N   . GLU A 1 19 ? 6.500   -2.357  6.468   1.00 24.98 ? 593 GLU A N   1 
ATOM   99  C CA  . GLU A 1 19 ? 7.849   -1.849  6.240   1.00 25.66 ? 593 GLU A CA  1 
ATOM   100 C C   . GLU A 1 19 ? 8.285   -2.076  4.798   1.00 25.11 ? 593 GLU A C   1 
ATOM   101 O O   . GLU A 1 19 ? 8.799   -1.162  4.139   1.00 24.01 ? 593 GLU A O   1 
ATOM   102 C CB  . GLU A 1 19 ? 8.835   -2.500  7.210   1.00 29.60 ? 593 GLU A CB  1 
ATOM   103 C CG  . GLU A 1 19 ? 10.200  -1.808  7.191   1.00 34.24 ? 593 GLU A CG  1 
ATOM   104 C CD  . GLU A 1 19 ? 11.226  -2.424  8.123   1.00 38.26 ? 593 GLU A CD  1 
ATOM   105 O OE1 . GLU A 1 19 ? 12.425  -2.387  7.771   1.00 35.56 ? 593 GLU A OE1 1 
ATOM   106 O OE2 . GLU A 1 19 ? 10.851  -2.924  9.207   1.00 37.82 ? 593 GLU A OE2 1 
ATOM   107 N N   . PHE A 1 20 ? 8.096   -3.295  4.293   1.00 23.18 ? 594 PHE A N   1 
ATOM   108 C CA  . PHE A 1 20 ? 8.452   -3.593  2.910   1.00 23.68 ? 594 PHE A CA  1 
ATOM   109 C C   . PHE A 1 20 ? 7.688   -2.694  1.950   1.00 21.54 ? 594 PHE A C   1 
ATOM   110 O O   . PHE A 1 20 ? 8.273   -2.096  1.039   1.00 22.69 ? 594 PHE A O   1 
ATOM   111 C CB  . PHE A 1 20 ? 8.163   -5.068  2.592   1.00 22.93 ? 594 PHE A CB  1 
ATOM   112 C CG  . PHE A 1 20 ? 8.301   -5.406  1.124   1.00 23.79 ? 594 PHE A CG  1 
ATOM   113 C CD1 . PHE A 1 20 ? 7.213   -5.296  0.261   1.00 25.56 ? 594 PHE A CD1 1 
ATOM   114 C CD2 . PHE A 1 20 ? 9.530   -5.800  0.606   1.00 24.33 ? 594 PHE A CD2 1 
ATOM   115 C CE1 . PHE A 1 20 ? 7.346   -5.571  -1.101  1.00 23.77 ? 594 PHE A CE1 1 
ATOM   116 C CE2 . PHE A 1 20 ? 9.668   -6.086  -0.742  1.00 25.85 ? 594 PHE A CE2 1 
ATOM   117 C CZ  . PHE A 1 20 ? 8.577   -5.969  -1.598  1.00 27.24 ? 594 PHE A CZ  1 
ATOM   118 N N   . THR A 1 21 ? 6.365   -2.634  2.120   1.00 20.37 ? 595 THR A N   1 
ATOM   119 C CA  . THR A 1 21 ? 5.496   -1.868  1.231   1.00 20.63 ? 595 THR A CA  1 
ATOM   120 C C   . THR A 1 21 ? 5.873   -0.393  1.206   1.00 21.20 ? 595 THR A C   1 
ATOM   121 O O   . THR A 1 21 ? 6.042   0.198   0.135   1.00 20.85 ? 595 THR A O   1 
ATOM   122 C CB  . THR A 1 21 ? 4.047   -2.041  1.685   1.00 21.49 ? 595 THR A CB  1 
ATOM   123 O OG1 . THR A 1 21 ? 3.681   -3.411  1.513   1.00 21.14 ? 595 THR A OG1 1 
ATOM   124 C CG2 . THR A 1 21 ? 3.097   -1.137  0.865   1.00 21.39 ? 595 THR A CG2 1 
ATOM   125 N N   . LYS A 1 22 ? 5.993   0.223   2.384   1.00 19.23 ? 596 LYS A N   1 
ATOM   126 C CA  . LYS A 1 22 ? 6.385   1.629   2.448   1.00 23.70 ? 596 LYS A CA  1 
ATOM   127 C C   . LYS A 1 22 ? 7.723   1.871   1.757   1.00 21.61 ? 596 LYS A C   1 
ATOM   128 O O   . LYS A 1 22 ? 7.866   2.805   0.954   1.00 21.71 ? 596 LYS A O   1 
ATOM   129 C CB  . LYS A 1 22 ? 6.452   2.070   3.908   1.00 26.25 ? 596 LYS A CB  1 
ATOM   130 C CG  . LYS A 1 22 ? 6.325   3.566   4.122   1.00 37.10 ? 596 LYS A CG  1 
ATOM   131 C CD  . LYS A 1 22 ? 6.356   3.895   5.615   1.00 41.83 ? 596 LYS A CD  1 
ATOM   132 C CE  . LYS A 1 22 ? 5.051   4.529   6.081   1.00 47.37 ? 596 LYS A CE  1 
ATOM   133 N NZ  . LYS A 1 22 ? 5.040   4.770   7.558   1.00 50.06 ? 596 LYS A NZ  1 
ATOM   134 N N   . ASN A 1 23 ? 8.729   1.049   2.053   1.00 20.46 ? 597 ASN A N   1 
ATOM   135 C CA  . ASN A 1 23 ? 10.037  1.328   1.466   1.00 21.00 ? 597 ASN A CA  1 
ATOM   136 C C   . ASN A 1 23 ? 10.093  0.970   -0.014  1.00 22.23 ? 597 ASN A C   1 
ATOM   137 O O   . ASN A 1 23 ? 10.843  1.596   -0.772  1.00 25.09 ? 597 ASN A O   1 
ATOM   138 C CB  . ASN A 1 23 ? 11.112  0.601   2.257   1.00 22.15 ? 597 ASN A CB  1 
ATOM   139 C CG  . ASN A 1 23 ? 11.404  1.297   3.540   1.00 26.48 ? 597 ASN A CG  1 
ATOM   140 O OD1 . ASN A 1 23 ? 12.209  2.231   3.570   1.00 26.98 ? 597 ASN A OD1 1 
ATOM   141 N ND2 . ASN A 1 23 ? 10.714  0.898   4.603   1.00 25.67 ? 597 ASN A ND2 1 
ATOM   142 N N   . ASN A 1 24 ? 9.300   -0.006  -0.456  1.00 20.12 ? 598 ASN A N   1 
ATOM   143 C CA  . ASN A 1 24 ? 9.196   -0.278  -1.885  1.00 19.72 ? 598 ASN A CA  1 
ATOM   144 C C   . ASN A 1 24 ? 8.603   0.919   -2.616  1.00 22.41 ? 598 ASN A C   1 
ATOM   145 O O   . ASN A 1 24 ? 9.129   1.353   -3.649  1.00 23.76 ? 598 ASN A O   1 
ATOM   146 C CB  . ASN A 1 24 ? 8.348   -1.534  -2.129  1.00 21.13 ? 598 ASN A CB  1 
ATOM   147 C CG  . ASN A 1 24 ? 8.431   -2.019  -3.561  1.00 23.19 ? 598 ASN A CG  1 
ATOM   148 O OD1 . ASN A 1 24 ? 7.588   -1.691  -4.397  1.00 23.92 ? 598 ASN A OD1 1 
ATOM   149 N ND2 . ASN A 1 24 ? 9.456   -2.791  -3.855  1.00 22.70 ? 598 ASN A ND2 1 
ATOM   150 N N   . LEU A 1 25 ? 7.493   1.454   -2.104  1.00 21.25 ? 599 LEU A N   1 
ATOM   151 C CA  . LEU A 1 25 ? 6.881   2.630   -2.725  1.00 22.49 ? 599 LEU A CA  1 
ATOM   152 C C   . LEU A 1 25 ? 7.870   3.783   -2.811  1.00 24.06 ? 599 LEU A C   1 
ATOM   153 O O   . LEU A 1 25 ? 7.976   4.459   -3.842  1.00 27.12 ? 599 LEU A O   1 
ATOM   154 C CB  . LEU A 1 25 ? 5.654   3.063   -1.923  1.00 22.21 ? 599 LEU A CB  1 
ATOM   155 C CG  . LEU A 1 25 ? 4.420   2.159   -2.079  1.00 21.50 ? 599 LEU A CG  1 
ATOM   156 C CD1 . LEU A 1 25 ? 3.467   2.380   -0.913  1.00 23.23 ? 599 LEU A CD1 1 
ATOM   157 C CD2 . LEU A 1 25 ? 3.734   2.413   -3.385  1.00 24.35 ? 599 LEU A CD2 1 
ATOM   158 N N   . ILE A 1 26 ? 8.583   4.036   -1.723  1.00 21.30 ? 600 ILE A N   1 
ATOM   159 C CA  . ILE A 1 26 ? 9.466   5.200   -1.669  1.00 23.72 ? 600 ILE A CA  1 
ATOM   160 C C   . ILE A 1 26 ? 10.713  4.975   -2.512  1.00 25.57 ? 600 ILE A C   1 
ATOM   161 O O   . ILE A 1 26 ? 11.093  5.819   -3.335  1.00 27.54 ? 600 ILE A O   1 
ATOM   162 C CB  . ILE A 1 26 ? 9.822   5.513   -0.208  1.00 23.93 ? 600 ILE A CB  1 
ATOM   163 C CG1 . ILE A 1 26 ? 8.596   6.054   0.530   1.00 26.55 ? 600 ILE A CG1 1 
ATOM   164 C CG2 . ILE A 1 26 ? 11.032  6.494   -0.134  1.00 26.02 ? 600 ILE A CG2 1 
ATOM   165 C CD1 . ILE A 1 26 ? 8.817   6.205   2.017   1.00 30.29 ? 600 ILE A CD1 1 
ATOM   166 N N   . GLN A 1 27 ? 11.370  3.838   -2.324  1.00 21.99 ? 601 GLN A N   1 
ATOM   167 C CA  . GLN A 1 27 ? 12.690  3.637   -2.907  1.00 22.81 ? 601 GLN A CA  1 
ATOM   168 C C   . GLN A 1 27 ? 12.664  3.045   -4.308  1.00 27.66 ? 601 GLN A C   1 
ATOM   169 O O   . GLN A 1 27 ? 13.609  3.258   -5.072  1.00 27.68 ? 601 GLN A O   1 
ATOM   170 C CB  . GLN A 1 27 ? 13.520  2.732   -1.993  1.00 24.72 ? 601 GLN A CB  1 
ATOM   171 C CG  . GLN A 1 27 ? 13.715  3.290   -0.595  1.00 22.48 ? 601 GLN A CG  1 
ATOM   172 C CD  . GLN A 1 27 ? 14.875  2.624   0.119   1.00 21.40 ? 601 GLN A CD  1 
ATOM   173 O OE1 . GLN A 1 27 ? 15.882  2.286   -0.505  1.00 26.86 ? 601 GLN A OE1 1 
ATOM   174 N NE2 . GLN A 1 27 ? 14.728  2.392   1.418   1.00 21.57 ? 601 GLN A NE2 1 
ATOM   175 N N   . ILE A 1 28 ? 11.630  2.287   -4.666  1.00 24.68 ? 602 ILE A N   1 
ATOM   176 C CA  . ILE A 1 28 ? 11.554  1.622   -5.958  1.00 27.51 ? 602 ILE A CA  1 
ATOM   177 C C   . ILE A 1 28 ? 10.528  2.288   -6.871  1.00 30.02 ? 602 ILE A C   1 
ATOM   178 O O   . ILE A 1 28 ? 10.837  2.643   -8.014  1.00 27.65 ? 602 ILE A O   1 
ATOM   179 C CB  . ILE A 1 28 ? 11.252  0.118   -5.786  1.00 28.92 ? 602 ILE A CB  1 
ATOM   180 C CG1 . ILE A 1 28 ? 12.377  -0.568  -4.996  1.00 30.52 ? 602 ILE A CG1 1 
ATOM   181 C CG2 . ILE A 1 28 ? 11.032  -0.538  -7.148  1.00 30.66 ? 602 ILE A CG2 1 
ATOM   182 C CD1 . ILE A 1 28 ? 13.379  -1.230  -5.835  1.00 36.82 ? 602 ILE A CD1 1 
ATOM   183 N N   . VAL A 1 29 ? 9.305   2.491   -6.373  1.00 26.30 ? 603 VAL A N   1 
ATOM   184 C CA  . VAL A 1 29 ? 8.264   3.066   -7.224  1.00 27.30 ? 603 VAL A CA  1 
ATOM   185 C C   . VAL A 1 29 ? 8.473   4.566   -7.409  1.00 30.26 ? 603 VAL A C   1 
ATOM   186 O O   . VAL A 1 29 ? 8.249   5.104   -8.502  1.00 30.73 ? 603 VAL A O   1 
ATOM   187 C CB  . VAL A 1 29 ? 6.873   2.747   -6.653  1.00 26.09 ? 603 VAL A CB  1 
ATOM   188 C CG1 . VAL A 1 29 ? 5.789   3.351   -7.533  1.00 25.47 ? 603 VAL A CG1 1 
ATOM   189 C CG2 . VAL A 1 29 ? 6.704   1.233   -6.529  1.00 23.86 ? 603 VAL A CG2 1 
ATOM   190 N N   . GLY A 1 30 ? 8.921   5.260   -6.369  1.00 27.56 ? 604 GLY A N   1 
ATOM   191 C CA  . GLY A 1 30 ? 9.111   6.693   -6.435  1.00 33.68 ? 604 GLY A CA  1 
ATOM   192 C C   . GLY A 1 30 ? 7.972   7.523   -5.887  1.00 33.34 ? 604 GLY A C   1 
ATOM   193 O O   . GLY A 1 30 ? 7.849   8.699   -6.262  1.00 33.75 ? 604 GLY A O   1 
ATOM   194 N N   . ILE A 1 31 ? 7.140   6.951   -5.032  1.00 28.45 ? 605 ILE A N   1 
ATOM   195 C CA  . ILE A 1 31 ? 6.079   7.683   -4.355  1.00 32.27 ? 605 ILE A CA  1 
ATOM   196 C C   . ILE A 1 31 ? 6.691   8.448   -3.192  1.00 34.00 ? 605 ILE A C   1 
ATOM   197 O O   . ILE A 1 31 ? 7.490   7.894   -2.432  1.00 32.11 ? 605 ILE A O   1 
ATOM   198 C CB  . ILE A 1 31 ? 4.993   6.713   -3.862  1.00 29.92 ? 605 ILE A CB  1 
ATOM   199 C CG1 . ILE A 1 31 ? 4.528   5.804   -4.999  1.00 29.84 ? 605 ILE A CG1 1 
ATOM   200 C CG2 . ILE A 1 31 ? 3.821   7.460   -3.268  1.00 33.83 ? 605 ILE A CG2 1 
ATOM   201 C CD1 . ILE A 1 31 ? 3.938   6.546   -6.163  1.00 35.39 ? 605 ILE A CD1 1 
ATOM   202 N N   . LYS A 1 32 ? 6.280   9.694   -3.014  1.00 35.68 ? 606 LYS A N   1 
ATOM   203 C CA  . LYS A 1 32 ? 6.775   10.500  -1.908  1.00 36.38 ? 606 LYS A CA  1 
ATOM   204 C C   . LYS A 1 32 ? 6.108   10.090  -0.602  1.00 37.47 ? 606 LYS A C   1 
ATOM   205 O O   . LYS A 1 32 ? 4.923   9.793   -0.568  1.00 35.56 ? 606 LYS A O   1 
ATOM   206 C CB  . LYS A 1 32 ? 6.510   11.984  -2.158  1.00 41.69 ? 606 LYS A CB  1 
ATOM   207 C CG  . LYS A 1 32 ? 7.011   12.497  -3.493  1.00 44.26 ? 606 LYS A CG  1 
ATOM   208 C CD  . LYS A 1 32 ? 8.457   12.945  -3.398  1.00 49.34 ? 606 LYS A CD  1 
ATOM   209 C CE  . LYS A 1 32 ? 9.231   12.580  -4.653  1.00 53.40 ? 606 LYS A CE  1 
ATOM   210 N NZ  . LYS A 1 32 ? 9.203   13.672  -5.659  1.00 58.75 ? 606 LYS A NZ  1 
ATOM   211 N N   . GLU A 1 33 ? 6.879   10.086  0.472   1.00 36.22 ? 607 GLU A N   1 
ATOM   212 C CA  . GLU A 1 33 ? 6.367   9.728   1.779   1.00 36.20 ? 607 GLU A CA  1 
ATOM   213 C C   . GLU A 1 33 ? 5.106   10.524  2.109   1.00 37.11 ? 607 GLU A C   1 
ATOM   214 O O   . GLU A 1 33 ? 4.189   10.018  2.735   1.00 38.92 ? 607 GLU A O   1 
ATOM   215 C CB  . GLU A 1 33 ? 7.451   9.960   2.829   1.00 41.60 ? 607 GLU A CB  1 
ATOM   216 C CG  . GLU A 1 33 ? 6.958   10.161  4.249   1.00 44.03 ? 607 GLU A CG  1 
ATOM   217 C CD  . GLU A 1 33 ? 8.068   10.582  5.187   1.00 44.52 ? 607 GLU A CD  1 
ATOM   218 O OE1 . GLU A 1 33 ? 8.079   10.118  6.337   1.00 46.49 ? 607 GLU A OE1 1 
ATOM   219 O OE2 . GLU A 1 33 ? 8.932   11.372  4.772   1.00 44.40 ? 607 GLU A OE2 1 
ATOM   220 N N   . ALA A 1 34 ? 5.068   11.778  1.682   1.00 40.13 ? 608 ALA A N   1 
ATOM   221 C CA  . ALA A 1 34 ? 3.907   12.624  1.947   1.00 41.61 ? 608 ALA A CA  1 
ATOM   222 C C   . ALA A 1 34 ? 2.633   12.083  1.310   1.00 41.20 ? 608 ALA A C   1 
ATOM   223 O O   . ALA A 1 34 ? 1.537   12.386  1.796   1.00 38.23 ? 608 ALA A O   1 
ATOM   224 C CB  . ALA A 1 34 ? 4.157   14.049  1.445   1.00 43.94 ? 608 ALA A CB  1 
ATOM   225 N N   . ASN A 1 35 ? 2.745   11.284  0.242   1.00 35.68 ? 609 ASN A N   1 
ATOM   226 C CA  . ASN A 1 35 ? 1.579   10.789  -0.482  1.00 36.22 ? 609 ASN A CA  1 
ATOM   227 C C   . ASN A 1 35 ? 1.192   9.350   -0.116  1.00 35.68 ? 609 ASN A C   1 
ATOM   228 O O   . ASN A 1 35 ? 0.416   8.712   -0.847  1.00 35.09 ? 609 ASN A O   1 
ATOM   229 C CB  . ASN A 1 35 ? 1.819   10.924  -1.985  1.00 35.07 ? 609 ASN A CB  1 
ATOM   230 C CG  . ASN A 1 35 ? 1.748   12.366  -2.447  1.00 44.07 ? 609 ASN A CG  1 
ATOM   231 O OD1 . ASN A 1 35 ? 1.000   13.164  -1.886  1.00 47.19 ? 609 ASN A OD1 1 
ATOM   232 N ND2 . ASN A 1 35 ? 2.530   12.708  -3.463  1.00 46.10 ? 609 ASN A ND2 1 
ATOM   233 N N   . ILE A 1 36 ? 1.676   8.843   1.007   1.00 31.33 ? 610 ILE A N   1 
ATOM   234 C CA  . ILE A 1 36 ? 1.320   7.519   1.493   1.00 30.15 ? 610 ILE A CA  1 
ATOM   235 C C   . ILE A 1 36 ? 0.591   7.682   2.817   1.00 34.60 ? 610 ILE A C   1 
ATOM   236 O O   . ILE A 1 36 ? 1.151   8.216   3.782   1.00 33.49 ? 610 ILE A O   1 
ATOM   237 C CB  . ILE A 1 36 ? 2.558   6.625   1.651   1.00 30.32 ? 610 ILE A CB  1 
ATOM   238 C CG1 . ILE A 1 36 ? 3.342   6.591   0.350   1.00 27.68 ? 610 ILE A CG1 1 
ATOM   239 C CG2 . ILE A 1 36 ? 2.142   5.234   2.071   1.00 30.50 ? 610 ILE A CG2 1 
ATOM   240 C CD1 . ILE A 1 36 ? 4.749   5.999   0.515   1.00 30.74 ? 610 ILE A CD1 1 
ATOM   241 N N   . GLU A 1 37 ? -0.661  7.243   2.858   1.00 29.90 ? 611 GLU A N   1 
ATOM   242 C CA  . GLU A 1 37 ? -1.430  7.179   4.089   1.00 30.35 ? 611 GLU A CA  1 
ATOM   243 C C   . GLU A 1 37 ? -1.546  5.725   4.517   1.00 34.61 ? 611 GLU A C   1 
ATOM   244 O O   . GLU A 1 37 ? -1.838  4.849   3.689   1.00 32.91 ? 611 GLU A O   1 
ATOM   245 C CB  . GLU A 1 37 ? -2.817  7.803   3.901   1.00 33.51 ? 611 GLU A CB  1 
ATOM   246 C CG  . GLU A 1 37 ? -3.736  7.619   5.097   1.00 38.14 ? 611 GLU A CG  1 
ATOM   247 C CD  . GLU A 1 37 ? -5.136  8.166   4.861   1.00 47.30 ? 611 GLU A CD  1 
ATOM   248 O OE1 . GLU A 1 37 ? -5.402  8.687   3.752   1.00 48.90 ? 611 GLU A OE1 1 
ATOM   249 O OE2 . GLU A 1 37 ? -5.967  8.078   5.794   1.00 47.68 ? 611 GLU A OE2 1 
ATOM   250 N N   . VAL A 1 38 ? -1.293  5.468   5.797   1.00 31.98 ? 612 VAL A N   1 
ATOM   251 C CA  . VAL A 1 38 ? -1.419  4.146   6.391   1.00 33.06 ? 612 VAL A CA  1 
ATOM   252 C C   . VAL A 1 38 ? -2.625  4.162   7.307   1.00 38.60 ? 612 VAL A C   1 
ATOM   253 O O   . VAL A 1 38 ? -2.718  5.001   8.212   1.00 37.67 ? 612 VAL A O   1 
ATOM   254 C CB  . VAL A 1 38 ? -0.160  3.746   7.173   1.00 34.47 ? 612 VAL A CB  1 
ATOM   255 C CG1 . VAL A 1 38 ? -0.385  2.425   7.882   1.00 35.14 ? 612 VAL A CG1 1 
ATOM   256 C CG2 . VAL A 1 38 ? 1.034   3.666   6.242   1.00 30.34 ? 612 VAL A CG2 1 
ATOM   257 N N   . VAL A 1 39 ? -3.546  3.246   7.083   1.00 36.13 ? 613 VAL A N   1 
ATOM   258 C CA  . VAL A 1 39 ? -4.699  3.105   7.958   1.00 38.54 ? 613 VAL A CA  1 
ATOM   259 C C   . VAL A 1 39 ? -4.692  1.698   8.529   1.00 41.52 ? 613 VAL A C   1 
ATOM   260 O O   . VAL A 1 39 ? -4.193  0.750   7.908   1.00 37.47 ? 613 VAL A O   1 
ATOM   261 C CB  . VAL A 1 39 ? -6.023  3.417   7.225   1.00 40.46 ? 613 VAL A CB  1 
ATOM   262 C CG1 . VAL A 1 39 ? -5.946  4.788   6.570   1.00 42.94 ? 613 VAL A CG1 1 
ATOM   263 C CG2 . VAL A 1 39 ? -6.328  2.369   6.186   1.00 39.18 ? 613 VAL A CG2 1 
ATOM   264 N N   . GLU A 1 40 ? -5.220  1.574   9.743   1.00 39.31 ? 614 GLU A N   1 
ATOM   265 C CA  . GLU A 1 40 ? -5.372  0.293   10.412  1.00 40.41 ? 614 GLU A CA  1 
ATOM   266 C C   . GLU A 1 40 ? -6.816  -0.160  10.281  1.00 38.63 ? 614 GLU A C   1 
ATOM   267 O O   . GLU A 1 40 ? -7.739  0.620   10.543  1.00 41.82 ? 614 GLU A O   1 
ATOM   268 C CB  . GLU A 1 40 ? -4.995  0.394   11.889  1.00 43.56 ? 614 GLU A CB  1 
ATOM   269 C CG  . GLU A 1 40 ? -3.722  1.150   12.168  1.00 45.97 ? 614 GLU A CG  1 
ATOM   270 C CD  . GLU A 1 40 ? -3.213  0.887   13.573  1.00 51.85 ? 614 GLU A CD  1 
ATOM   271 O OE1 . GLU A 1 40 ? -4.045  0.596   14.460  1.00 55.14 ? 614 GLU A OE1 1 
ATOM   272 O OE2 . GLU A 1 40 ? -1.987  0.961   13.790  1.00 54.88 ? 614 GLU A OE2 1 
ATOM   273 N N   . VAL A 1 41 ? -7.015  -1.406  9.877   1.00 33.89 ? 615 VAL A N   1 
ATOM   274 C CA  . VAL A 1 41 ? -8.366  -1.932  9.768   1.00 37.98 ? 615 VAL A CA  1 
ATOM   275 C C   . VAL A 1 41 ? -8.484  -3.110  10.717  1.00 42.51 ? 615 VAL A C   1 
ATOM   276 O O   . VAL A 1 41 ? -7.509  -3.818  10.997  1.00 39.81 ? 615 VAL A O   1 
ATOM   277 C CB  . VAL A 1 41 ? -8.755  -2.331  8.328   1.00 38.17 ? 615 VAL A CB  1 
ATOM   278 C CG1 . VAL A 1 41 ? -8.837  -1.099  7.443   1.00 34.94 ? 615 VAL A CG1 1 
ATOM   279 C CG2 . VAL A 1 41 ? -7.782  -3.336  7.760   1.00 37.48 ? 615 VAL A CG2 1 
ATOM   280 N N   . THR A 1 42 ? -9.692  -3.294  11.246  1.00 42.53 ? 616 THR A N   1 
ATOM   281 C CA  . THR A 1 42 ? -9.933  -4.286  12.278  1.00 43.78 ? 616 THR A CA  1 
ATOM   282 C C   . THR A 1 42 ? -10.342 -5.641  11.723  1.00 44.32 ? 616 THR A C   1 
ATOM   283 O O   . THR A 1 42 ? -10.298 -6.631  12.460  1.00 48.08 ? 616 THR A O   1 
ATOM   284 C CB  . THR A 1 42 ? -11.011 -3.776  13.241  1.00 44.98 ? 616 THR A CB  1 
ATOM   285 O OG1 . THR A 1 42 ? -11.079 -4.650  14.370  1.00 53.62 ? 616 THR A OG1 1 
ATOM   286 C CG2 . THR A 1 42 ? -12.356 -3.734  12.550  1.00 44.01 ? 616 THR A CG2 1 
ATOM   287 N N   . THR A 1 43 ? -10.727 -5.717  10.451  1.00 44.53 ? 617 THR A N   1 
ATOM   288 C CA  . THR A 1 43 ? -11.115 -6.969  9.819   1.00 45.38 ? 617 THR A CA  1 
ATOM   289 C C   . THR A 1 43 ? -10.269 -7.215  8.575   1.00 41.86 ? 617 THR A C   1 
ATOM   290 O O   . THR A 1 43 ? -9.728  -6.281  7.968   1.00 39.31 ? 617 THR A O   1 
ATOM   291 C CB  . THR A 1 43 ? -12.604 -6.965  9.440   1.00 48.16 ? 617 THR A CB  1 
ATOM   292 O OG1 . THR A 1 43 ? -12.822 -6.068  8.339   1.00 51.47 ? 617 THR A OG1 1 
ATOM   293 C CG2 . THR A 1 43 ? -13.447 -6.527  10.621  1.00 47.00 ? 617 THR A CG2 1 
ATOM   294 N N   . ALA A 1 44 ? -10.174 -8.483  8.192   1.00 38.36 ? 618 ALA A N   1 
ATOM   295 C CA  . ALA A 1 44 ? -9.352  -8.897  7.063   1.00 35.74 ? 618 ALA A CA  1 
ATOM   296 C C   . ALA A 1 44 ? -9.743  -10.319 6.679   1.00 33.98 ? 618 ALA A C   1 
ATOM   297 O O   . ALA A 1 44 ? -10.338 -11.032 7.488   1.00 34.60 ? 618 ALA A O   1 
ATOM   298 C CB  . ALA A 1 44 ? -7.856  -8.827  7.414   1.00 34.42 ? 618 ALA A CB  1 
ATOM   299 N N   . PRO A 1 45 ? -9.406  -10.751 5.463   1.00 33.27 ? 619 PRO A N   1 
ATOM   300 C CA  . PRO A 1 45 ? -9.658  -12.147 5.084   1.00 32.32 ? 619 PRO A CA  1 
ATOM   301 C C   . PRO A 1 45 ? -9.069  -13.119 6.101   1.00 32.75 ? 619 PRO A C   1 
ATOM   302 O O   . PRO A 1 45 ? -8.080  -12.814 6.778   1.00 28.91 ? 619 PRO A O   1 
ATOM   303 C CB  . PRO A 1 45 ? -8.968  -12.280 3.721   1.00 32.84 ? 619 PRO A CB  1 
ATOM   304 C CG  . PRO A 1 45 ? -8.849  -10.896 3.195   1.00 33.87 ? 619 PRO A CG  1 
ATOM   305 C CD  . PRO A 1 45 ? -8.905  -9.936  4.340   1.00 34.86 ? 619 PRO A CD  1 
ATOM   306 N N   . ALA A 1 46 ? -9.713  -14.284 6.232   1.00 33.90 ? 620 ALA A N   1 
ATOM   307 C CA  . ALA A 1 46 ? -9.198  -15.332 7.109   1.00 30.99 ? 620 ALA A CA  1 
ATOM   308 C C   . ALA A 1 46 ? -7.762  -15.685 6.740   1.00 29.89 ? 620 ALA A C   1 
ATOM   309 O O   . ALA A 1 46 ? -7.406  -15.763 5.564   1.00 30.79 ? 620 ALA A O   1 
ATOM   310 C CB  . ALA A 1 46 ? -10.062 -16.591 7.018   1.00 32.99 ? 620 ALA A CB  1 
ATOM   311 N N   . GLY A 1 47 ? -6.942  -15.927 7.757   1.00 29.82 ? 621 GLY A N   1 
ATOM   312 C CA  . GLY A 1 47 ? -5.541  -16.219 7.547   1.00 30.50 ? 621 GLY A CA  1 
ATOM   313 C C   . GLY A 1 47 ? -4.636  -15.003 7.538   1.00 28.73 ? 621 GLY A C   1 
ATOM   314 O O   . GLY A 1 47 ? -3.409  -15.164 7.543   1.00 26.59 ? 621 GLY A O   1 
ATOM   315 N N   . SER A 1 48 ? -5.203  -13.797 7.545   1.00 29.22 ? 622 SER A N   1 
ATOM   316 C CA  . SER A 1 48 ? -4.405  -12.578 7.582   1.00 29.33 ? 622 SER A CA  1 
ATOM   317 C C   . SER A 1 48 ? -3.607  -12.473 8.873   1.00 30.00 ? 622 SER A C   1 
ATOM   318 O O   . SER A 1 48 ? -4.077  -12.840 9.955   1.00 30.05 ? 622 SER A O   1 
ATOM   319 C CB  . SER A 1 48 ? -5.316  -11.355 7.424   1.00 26.49 ? 622 SER A CB  1 
ATOM   320 O OG  . SER A 1 48 ? -5.968  -11.400 6.169   1.00 29.46 ? 622 SER A OG  1 
ATOM   321 N N   . VAL A 1 49 ? -2.387  -11.963 8.752   1.00 26.39 ? 623 VAL A N   1 
ATOM   322 C CA  . VAL A 1 49 ? -1.466  -11.792 9.867   1.00 29.44 ? 623 VAL A CA  1 
ATOM   323 C C   . VAL A 1 49 ? -1.529  -10.343 10.322  1.00 32.67 ? 623 VAL A C   1 
ATOM   324 O O   . VAL A 1 49 ? -1.555  -9.427  9.493   1.00 29.15 ? 623 VAL A O   1 
ATOM   325 C CB  . VAL A 1 49 ? -0.029  -12.175 9.452   1.00 31.24 ? 623 VAL A CB  1 
ATOM   326 C CG1 . VAL A 1 49 ? 0.930   -12.028 10.616  1.00 31.74 ? 623 VAL A CG1 1 
ATOM   327 C CG2 . VAL A 1 49 ? 0.008   -13.603 8.894   1.00 29.64 ? 623 VAL A CG2 1 
ATOM   328 N N   . GLU A 1 50 ? -1.554  -10.131 11.640  1.00 34.55 ? 624 GLU A N   1 
ATOM   329 C CA  . GLU A 1 50 ? -1.491  -8.775  12.178  1.00 35.46 ? 624 GLU A CA  1 
ATOM   330 C C   . GLU A 1 50 ? -0.248  -8.051  11.665  1.00 33.01 ? 624 GLU A C   1 
ATOM   331 O O   . GLU A 1 50 ? 0.860   -8.594  11.698  1.00 33.12 ? 624 GLU A O   1 
ATOM   332 C CB  . GLU A 1 50 ? -1.489  -8.821  13.710  1.00 37.09 ? 624 GLU A CB  1 
ATOM   333 C CG  . GLU A 1 50 ? -0.920  -7.570  14.364  1.00 39.97 ? 624 GLU A CG  1 
ATOM   334 C CD  . GLU A 1 50 ? -1.276  -7.462  15.834  1.00 49.01 ? 624 GLU A CD  1 
ATOM   335 O OE1 . GLU A 1 50 ? -0.765  -6.537  16.502  1.00 53.05 ? 624 GLU A OE1 1 
ATOM   336 O OE2 . GLU A 1 50 ? -2.072  -8.299  16.312  1.00 49.61 ? 624 GLU A OE2 1 
ATOM   337 N N   . GLY A 1 51 ? -0.439  -6.826  11.163  1.00 32.80 ? 625 GLY A N   1 
ATOM   338 C CA  . GLY A 1 51 ? 0.628   -6.056  10.568  1.00 32.10 ? 625 GLY A CA  1 
ATOM   339 C C   . GLY A 1 51 ? 0.740   -6.176  9.062   1.00 30.36 ? 625 GLY A C   1 
ATOM   340 O O   . GLY A 1 51 ? 1.539   -5.460  8.454   1.00 31.24 ? 625 GLY A O   1 
ATOM   341 N N   . MET A 1 52 ? -0.031  -7.051  8.443   1.00 28.30 ? 626 MET A N   1 
ATOM   342 C CA  . MET A 1 52 ? 0.080   -7.306  7.021   1.00 27.28 ? 626 MET A CA  1 
ATOM   343 C C   . MET A 1 52 ? -0.780  -6.311  6.238   1.00 28.72 ? 626 MET A C   1 
ATOM   344 O O   . MET A 1 52 ? -1.804  -5.832  6.731   1.00 26.73 ? 626 MET A O   1 
ATOM   345 C CB  . MET A 1 52 ? -0.339  -8.752  6.777   1.00 30.41 ? 626 MET A CB  1 
ATOM   346 C CG  . MET A 1 52 ? -0.664  -9.154  5.407   1.00 30.20 ? 626 MET A CG  1 
ATOM   347 S SD  . MET A 1 52 ? -1.419  -10.796 5.446   1.00 29.72 ? 626 MET A SD  1 
ATOM   348 C CE  . MET A 1 52 ? -0.154  -11.918 5.812   1.00 33.27 ? 626 MET A CE  1 
ATOM   349 N N   . VAL A 1 53 ? -0.324  -5.958  5.033   1.00 22.06 ? 627 VAL A N   1 
ATOM   350 C CA  . VAL A 1 53 ? -1.142  -5.164  4.122   1.00 23.18 ? 627 VAL A CA  1 
ATOM   351 C C   . VAL A 1 53 ? -2.310  -6.023  3.645   1.00 26.32 ? 627 VAL A C   1 
ATOM   352 O O   . VAL A 1 53 ? -2.117  -7.122  3.112   1.00 24.52 ? 627 VAL A O   1 
ATOM   353 C CB  . VAL A 1 53 ? -0.308  -4.645  2.935   1.00 22.36 ? 627 VAL A CB  1 
ATOM   354 C CG1 . VAL A 1 53 ? -1.181  -3.901  1.936   1.00 22.37 ? 627 VAL A CG1 1 
ATOM   355 C CG2 . VAL A 1 53 ? 0.825   -3.722  3.436   1.00 21.66 ? 627 VAL A CG2 1 
ATOM   356 N N   . VAL A 1 54 ? -3.532  -5.527  3.836   1.00 24.69 ? 628 VAL A N   1 
ATOM   357 C CA  . VAL A 1 54 ? -4.725  -6.268  3.439   1.00 26.62 ? 628 VAL A CA  1 
ATOM   358 C C   . VAL A 1 54 ? -5.568  -5.516  2.422   1.00 27.48 ? 628 VAL A C   1 
ATOM   359 O O   . VAL A 1 54 ? -6.450  -6.130  1.794   1.00 28.60 ? 628 VAL A O   1 
ATOM   360 C CB  . VAL A 1 54 ? -5.587  -6.667  4.659   1.00 28.99 ? 628 VAL A CB  1 
ATOM   361 C CG1 . VAL A 1 54 ? -4.871  -7.699  5.506   1.00 27.88 ? 628 VAL A CG1 1 
ATOM   362 C CG2 . VAL A 1 54 ? -5.943  -5.442  5.492   1.00 27.56 ? 628 VAL A CG2 1 
ATOM   363 N N   . GLU A 1 55 ? -5.318  -4.231  2.205   1.00 27.67 ? 629 GLU A N   1 
ATOM   364 C CA  . GLU A 1 55 ? -6.003  -3.500  1.151   1.00 27.97 ? 629 GLU A CA  1 
ATOM   365 C C   . GLU A 1 55 ? -5.107  -2.359  0.695   1.00 27.11 ? 629 GLU A C   1 
ATOM   366 O O   . GLU A 1 55 ? -4.275  -1.866  1.461   1.00 27.22 ? 629 GLU A O   1 
ATOM   367 C CB  . GLU A 1 55 ? -7.357  -2.964  1.618   1.00 32.64 ? 629 GLU A CB  1 
ATOM   368 C CG  . GLU A 1 55 ? -8.337  -2.739  0.483   1.00 36.77 ? 629 GLU A CG  1 
ATOM   369 C CD  . GLU A 1 55 ? -9.758  -2.524  0.980   1.00 44.41 ? 629 GLU A CD  1 
ATOM   370 O OE1 . GLU A 1 55 ? -10.571 -3.478  0.910   1.00 53.57 ? 629 GLU A OE1 1 
ATOM   371 O OE2 . GLU A 1 55 ? -10.057 -1.399  1.441   1.00 52.98 ? 629 GLU A OE2 1 
ATOM   372 N N   . GLN A 1 56 ? -5.278  -1.942  -0.558  1.00 23.96 ? 630 GLN A N   1 
ATOM   373 C CA  . GLN A 1 56 ? -4.442  -0.870  -1.087  1.00 23.86 ? 630 GLN A CA  1 
ATOM   374 C C   . GLN A 1 56 ? -5.218  -0.047  -2.098  1.00 27.23 ? 630 GLN A C   1 
ATOM   375 O O   . GLN A 1 56 ? -6.073  -0.562  -2.827  1.00 28.07 ? 630 GLN A O   1 
ATOM   376 C CB  . GLN A 1 56 ? -3.169  -1.424  -1.744  1.00 24.42 ? 630 GLN A CB  1 
ATOM   377 C CG  . GLN A 1 56 ? -3.453  -2.421  -2.856  1.00 26.19 ? 630 GLN A CG  1 
ATOM   378 C CD  . GLN A 1 56 ? -2.195  -2.910  -3.550  1.00 21.57 ? 630 GLN A CD  1 
ATOM   379 O OE1 . GLN A 1 56 ? -1.566  -3.867  -3.108  1.00 24.80 ? 630 GLN A OE1 1 
ATOM   380 N NE2 . GLN A 1 56 ? -1.819  -2.246  -4.643  1.00 24.81 ? 630 GLN A NE2 1 
ATOM   381 N N   . SER A 1 57 ? -4.890  1.241   -2.154  1.00 25.58 ? 631 SER A N   1 
ATOM   382 C CA  . SER A 1 57 ? -5.373  2.118   -3.204  1.00 27.07 ? 631 SER A CA  1 
ATOM   383 C C   . SER A 1 57 ? -4.180  2.893   -3.753  1.00 29.04 ? 631 SER A C   1 
ATOM   384 O O   . SER A 1 57 ? -3.428  3.493   -2.972  1.00 28.84 ? 631 SER A O   1 
ATOM   385 C CB  . SER A 1 57 ? -6.442  3.081   -2.685  1.00 27.19 ? 631 SER A CB  1 
ATOM   386 O OG  . SER A 1 57 ? -6.845  3.933   -3.745  1.00 30.49 ? 631 SER A OG  1 
ATOM   387 N N   . PRO A 1 58 ? -3.950  2.893   -5.069  1.00 26.35 ? 632 PRO A N   1 
ATOM   388 C CA  . PRO A 1 58 ? -4.696  2.194   -6.123  1.00 27.61 ? 632 PRO A CA  1 
ATOM   389 C C   . PRO A 1 58 ? -4.611  0.679   -5.999  1.00 25.76 ? 632 PRO A C   1 
ATOM   390 O O   . PRO A 1 58 ? -3.728  0.167   -5.321  1.00 24.48 ? 632 PRO A O   1 
ATOM   391 C CB  . PRO A 1 58 ? -4.012  2.660   -7.408  1.00 23.86 ? 632 PRO A CB  1 
ATOM   392 C CG  . PRO A 1 58 ? -3.291  3.931   -7.026  1.00 28.30 ? 632 PRO A CG  1 
ATOM   393 C CD  . PRO A 1 58 ? -2.867  3.725   -5.620  1.00 28.68 ? 632 PRO A CD  1 
ATOM   394 N N   . ARG A 1 59 ? -5.528  -0.032  -6.635  1.00 24.12 ? 633 ARG A N   1 
ATOM   395 C CA  . ARG A 1 59 ? -5.471  -1.480  -6.548  1.00 26.39 ? 633 ARG A CA  1 
ATOM   396 C C   . ARG A 1 59 ? -4.349  -2.017  -7.433  1.00 23.51 ? 633 ARG A C   1 
ATOM   397 O O   . ARG A 1 59 ? -3.812  -1.313  -8.291  1.00 22.93 ? 633 ARG A O   1 
ATOM   398 C CB  . ARG A 1 59 ? -6.826  -2.068  -6.920  1.00 31.64 ? 633 ARG A CB  1 
ATOM   399 C CG  . ARG A 1 59 ? -7.864  -1.655  -5.877  1.00 36.07 ? 633 ARG A CG  1 
ATOM   400 C CD  . ARG A 1 59 ? -9.197  -2.296  -6.108  1.00 47.27 ? 633 ARG A CD  1 
ATOM   401 N NE  . ARG A 1 59 ? -9.816  -1.768  -7.315  1.00 51.67 ? 633 ARG A NE  1 
ATOM   402 C CZ  . ARG A 1 59 ? -10.958 -1.089  -7.336  1.00 57.18 ? 633 ARG A CZ  1 
ATOM   403 N NH1 . ARG A 1 59 ? -11.621 -0.841  -6.207  1.00 58.72 ? 633 ARG A NH1 1 
ATOM   404 N NH2 . ARG A 1 59 ? -11.439 -0.663  -8.494  1.00 61.56 ? 633 ARG A NH2 1 
ATOM   405 N N   . ALA A 1 60 ? -3.977  -3.274  -7.191  1.00 22.55 ? 634 ALA A N   1 
ATOM   406 C CA  . ALA A 1 60 ? -2.838  -3.869  -7.882  1.00 22.95 ? 634 ALA A CA  1 
ATOM   407 C C   . ALA A 1 60 ? -2.996  -3.725  -9.391  1.00 24.35 ? 634 ALA A C   1 
ATOM   408 O O   . ALA A 1 60 ? -4.070  -3.987  -9.942  1.00 23.28 ? 634 ALA A O   1 
ATOM   409 C CB  . ALA A 1 60 ? -2.710  -5.344  -7.496  1.00 21.19 ? 634 ALA A CB  1 
ATOM   410 N N   . GLY A 1 61 ? -1.947  -3.232  -10.042 1.00 20.37 ? 635 GLY A N   1 
ATOM   411 C CA  . GLY A 1 61 ? -1.903  -3.095  -11.485 1.00 21.30 ? 635 GLY A CA  1 
ATOM   412 C C   . GLY A 1 61 ? -2.591  -1.871  -12.045 1.00 24.99 ? 635 GLY A C   1 
ATOM   413 O O   . GLY A 1 61 ? -2.553  -1.666  -13.262 1.00 24.50 ? 635 GLY A O   1 
ATOM   414 N N   . GLU A 1 62 ? -3.232  -1.066  -11.209 1.00 21.54 ? 636 GLU A N   1 
ATOM   415 C CA  . GLU A 1 62 ? -3.875  0.147   -11.667 1.00 26.62 ? 636 GLU A CA  1 
ATOM   416 C C   . GLU A 1 62 ? -2.862  1.282   -11.741 1.00 29.64 ? 636 GLU A C   1 
ATOM   417 O O   . GLU A 1 62 ? -1.763  1.208   -11.187 1.00 25.72 ? 636 GLU A O   1 
ATOM   418 C CB  . GLU A 1 62 ? -5.029  0.526   -10.731 1.00 24.57 ? 636 GLU A CB  1 
ATOM   419 C CG  . GLU A 1 62 ? -6.105  -0.560  -10.554 1.00 30.91 ? 636 GLU A CG  1 
ATOM   420 C CD  . GLU A 1 62 ? -6.920  -0.841  -11.824 1.00 42.00 ? 636 GLU A CD  1 
ATOM   421 O OE1 . GLU A 1 62 ? -6.795  -0.073  -12.814 1.00 44.83 ? 636 GLU A OE1 1 
ATOM   422 O OE2 . GLU A 1 62 ? -7.697  -1.837  -11.830 1.00 43.35 ? 636 GLU A OE2 1 
ATOM   423 N N   . LYS A 1 63 ? -3.248  2.347   -12.441 1.00 30.16 ? 637 LYS A N   1 
ATOM   424 C CA  . LYS A 1 63 ? -2.352  3.472   -12.668 1.00 28.78 ? 637 LYS A CA  1 
ATOM   425 C C   . LYS A 1 63 ? -2.031  4.186   -11.356 1.00 30.83 ? 637 LYS A C   1 
ATOM   426 O O   . LYS A 1 63 ? -2.915  4.438   -10.533 1.00 30.84 ? 637 LYS A O   1 
ATOM   427 C CB  . LYS A 1 63 ? -2.992  4.443   -13.664 1.00 35.25 ? 637 LYS A CB  1 
ATOM   428 C CG  . LYS A 1 63 ? -2.411  5.855   -13.641 1.00 42.56 ? 637 LYS A CG  1 
ATOM   429 C CD  . LYS A 1 63 ? -3.506  6.929   -13.697 1.00 47.58 ? 637 LYS A CD  1 
ATOM   430 C CE  . LYS A 1 63 ? -3.029  8.251   -13.103 1.00 47.91 ? 637 LYS A CE  1 
ATOM   431 N NZ  . LYS A 1 63 ? -4.014  9.364   -13.284 1.00 54.72 ? 637 LYS A NZ  1 
ATOM   432 N N   . VAL A 1 64 ? -0.761  4.494   -11.140 1.00 30.93 ? 638 VAL A N   1 
ATOM   433 C CA  . VAL A 1 64 ? -0.379  5.366   -10.041 1.00 32.80 ? 638 VAL A CA  1 
ATOM   434 C C   . VAL A 1 64 ? 0.480   6.471   -10.638 1.00 38.30 ? 638 VAL A C   1 
ATOM   435 O O   . VAL A 1 64 ? 1.445   6.188   -11.361 1.00 37.84 ? 638 VAL A O   1 
ATOM   436 C CB  . VAL A 1 64 ? 0.345   4.616   -8.904  1.00 33.70 ? 638 VAL A CB  1 
ATOM   437 C CG1 . VAL A 1 64 ? 1.483   3.747   -9.427  1.00 34.06 ? 638 VAL A CG1 1 
ATOM   438 C CG2 . VAL A 1 64 ? 0.847   5.594   -7.833  1.00 34.89 ? 638 VAL A CG2 1 
ATOM   439 N N   . ASP A 1 65 ? 0.088   7.721   -10.398 1.00 39.90 ? 639 ASP A N   1 
ATOM   440 C CA  . ASP A 1 65 ? 0.848   8.879   -10.849 1.00 41.61 ? 639 ASP A CA  1 
ATOM   441 C C   . ASP A 1 65 ? 1.851   9.250   -9.765  1.00 36.42 ? 639 ASP A C   1 
ATOM   442 O O   . ASP A 1 65 ? 1.467   9.487   -8.614  1.00 39.37 ? 639 ASP A O   1 
ATOM   443 C CB  . ASP A 1 65 ? -0.078  10.054  -11.155 1.00 45.22 ? 639 ASP A CB  1 
ATOM   444 C CG  . ASP A 1 65 ? 0.625   11.163  -11.918 1.00 50.85 ? 639 ASP A CG  1 
ATOM   445 O OD1 . ASP A 1 65 ? 1.538   11.798  -11.336 1.00 50.54 ? 639 ASP A OD1 1 
ATOM   446 O OD2 . ASP A 1 65 ? 0.272   11.391  -13.100 1.00 56.28 ? 639 ASP A OD2 1 
ATOM   447 N N   . LEU A 1 66 ? 3.130   9.310   -10.136 1.00 41.18 ? 640 LEU A N   1 
ATOM   448 C CA  . LEU A 1 66 ? 4.193   9.411   -9.140  1.00 42.23 ? 640 LEU A CA  1 
ATOM   449 C C   . LEU A 1 66 ? 4.152   10.715  -8.352  1.00 46.45 ? 640 LEU A C   1 
ATOM   450 O O   . LEU A 1 66 ? 4.779   10.806  -7.291  1.00 46.54 ? 640 LEU A O   1 
ATOM   451 C CB  . LEU A 1 66 ? 5.549   9.250   -9.819  1.00 43.03 ? 640 LEU A CB  1 
ATOM   452 C CG  . LEU A 1 66 ? 5.880   7.853   -10.349 1.00 41.95 ? 640 LEU A CG  1 
ATOM   453 C CD1 . LEU A 1 66 ? 7.388   7.663   -10.385 1.00 41.20 ? 640 LEU A CD1 1 
ATOM   454 C CD2 . LEU A 1 66 ? 5.207   6.752   -9.513  1.00 39.65 ? 640 LEU A CD2 1 
ATOM   455 N N   . ASN A 1 67 ? 3.422   11.714  -8.824  1.00 44.58 ? 641 ASN A N   1 
ATOM   456 C CA  . ASN A 1 67 ? 3.322   12.975  -8.104  1.00 48.56 ? 641 ASN A CA  1 
ATOM   457 C C   . ASN A 1 67 ? 1.919   13.298  -7.617  1.00 48.85 ? 641 ASN A C   1 
ATOM   458 O O   . ASN A 1 67 ? 1.779   14.021  -6.628  1.00 47.75 ? 641 ASN A O   1 
ATOM   459 C CB  . ASN A 1 67 ? 3.822   14.123  -8.988  1.00 48.95 ? 641 ASN A CB  1 
ATOM   460 C CG  . ASN A 1 67 ? 5.264   13.922  -9.444  1.00 53.93 ? 641 ASN A CG  1 
ATOM   461 O OD1 . ASN A 1 67 ? 6.196   13.960  -8.631  1.00 57.66 ? 641 ASN A OD1 1 
ATOM   462 N ND2 . ASN A 1 67 ? 5.454   13.706  -10.747 1.00 50.72 ? 641 ASN A ND2 1 
ATOM   463 N N   . LYS A 1 68 ? 0.885   12.763  -8.265  1.00 45.24 ? 642 LYS A N   1 
ATOM   464 C CA  . LYS A 1 68 ? -0.504  13.107  -7.981  1.00 47.98 ? 642 LYS A CA  1 
ATOM   465 C C   . LYS A 1 68 ? -1.201  12.137  -7.033  1.00 44.17 ? 642 LYS A C   1 
ATOM   466 O O   . LYS A 1 68 ? -1.982  12.571  -6.181  1.00 44.65 ? 642 LYS A O   1 
ATOM   467 C CB  . LYS A 1 68 ? -1.303  13.171  -9.290  1.00 46.34 ? 642 LYS A CB  1 
ATOM   468 C CG  . LYS A 1 68 ? -1.148  14.459  -10.090 1.00 53.22 ? 642 LYS A CG  1 
ATOM   469 C CD  . LYS A 1 68 ? -1.321  14.193  -11.588 1.00 54.81 ? 642 LYS A CD  1 
ATOM   470 C CE  . LYS A 1 68 ? -1.602  15.474  -12.378 1.00 61.05 ? 642 LYS A CE  1 
ATOM   471 N NZ  . LYS A 1 68 ? -0.856  15.534  -13.680 1.00 58.91 ? 642 LYS A NZ  1 
ATOM   472 N N   . THR A 1 69 ? -0.948  10.834  -7.155  1.00 43.76 ? 643 THR A N   1 
ATOM   473 C CA  . THR A 1 69 ? -1.803  9.838   -6.510  1.00 40.97 ? 643 THR A CA  1 
ATOM   474 C C   . THR A 1 69 ? -1.590  9.795   -5.000  1.00 40.23 ? 643 THR A C   1 
ATOM   475 O O   . THR A 1 69 ? -0.458  9.687   -4.520  1.00 39.27 ? 643 THR A O   1 
ATOM   476 C CB  . THR A 1 69 ? -1.545  8.453   -7.107  1.00 38.47 ? 643 THR A CB  1 
ATOM   477 O OG1 . THR A 1 69 ? -1.751  8.494   -8.523  1.00 38.16 ? 643 THR A OG1 1 
ATOM   478 C CG2 . THR A 1 69 ? -2.491  7.435   -6.491  1.00 38.92 ? 643 THR A CG2 1 
ATOM   479 N N   . ARG A 1 70 ? -2.681  9.771   -4.251  1.00 38.58 ? 644 ARG A N   1 
ATOM   480 C CA  . ARG A 1 70 ? -2.598  9.622   -2.810  1.00 39.50 ? 644 ARG A CA  1 
ATOM   481 C C   . ARG A 1 70 ? -2.722  8.115   -2.521  1.00 41.10 ? 644 ARG A C   1 
ATOM   482 O O   . ARG A 1 70 ? -3.815  7.572   -2.543  1.00 38.76 ? 644 ARG A O   1 
ATOM   483 C CB  . ARG A 1 70 ? -3.714  10.401  -2.117  1.00 44.41 ? 644 ARG A CB  1 
ATOM   484 C CG  . ARG A 1 70 ? -3.641  11.913  -2.296  1.00 50.94 ? 644 ARG A CG  1 
ATOM   485 C CD  . ARG A 1 70 ? -2.203  12.411  -2.352  1.00 53.18 ? 644 ARG A CD  1 
ATOM   486 N NE  . ARG A 1 70 ? -2.077  13.852  -2.142  1.00 57.14 ? 644 ARG A NE  1 
ATOM   487 C CZ  . ARG A 1 70 ? -1.551  14.698  -3.025  1.00 58.51 ? 644 ARG A CZ  1 
ATOM   488 N NH1 . ARG A 1 70 ? -1.107  14.255  -4.189  1.00 55.97 ? 644 ARG A NH1 1 
ATOM   489 N NH2 . ARG A 1 70 ? -1.469  15.990  -2.748  1.00 54.79 ? 644 ARG A NH2 1 
ATOM   490 N N   . VAL A 1 71 ? -1.598  7.447   -2.265  1.00 33.26 ? 645 VAL A N   1 
ATOM   491 C CA  . VAL A 1 71 ? -1.581  6.011   -1.998  1.00 31.00 ? 645 VAL A CA  1 
ATOM   492 C C   . VAL A 1 71 ? -2.106  5.758   -0.592  1.00 32.22 ? 645 VAL A C   1 
ATOM   493 O O   . VAL A 1 71 ? -1.697  6.427   0.364   1.00 31.02 ? 645 VAL A O   1 
ATOM   494 C CB  . VAL A 1 71 ? -0.161  5.451   -2.160  1.00 30.27 ? 645 VAL A CB  1 
ATOM   495 C CG1 . VAL A 1 71 ? -0.081  4.027   -1.605  1.00 30.48 ? 645 VAL A CG1 1 
ATOM   496 C CG2 . VAL A 1 71 ? 0.253   5.505   -3.608  1.00 30.53 ? 645 VAL A CG2 1 
ATOM   497 N N   . LYS A 1 72 ? -3.012  4.790   -0.456  1.00 27.92 ? 646 LYS A N   1 
ATOM   498 C CA  . LYS A 1 72 ? -3.536  4.395   0.845   1.00 28.52 ? 646 LYS A CA  1 
ATOM   499 C C   . LYS A 1 72 ? -3.290  2.911   1.074   1.00 30.31 ? 646 LYS A C   1 
ATOM   500 O O   . LYS A 1 72 ? -3.708  2.063   0.272   1.00 27.12 ? 646 LYS A O   1 
ATOM   501 C CB  . LYS A 1 72 ? -5.030  4.691   0.975   1.00 33.24 ? 646 LYS A CB  1 
ATOM   502 C CG  . LYS A 1 72 ? -5.638  4.104   2.241   1.00 36.94 ? 646 LYS A CG  1 
ATOM   503 C CD  . LYS A 1 72 ? -7.039  3.435   2.013   1.00 45.77 ? 646 LYS A CD  1 
ATOM   504 C CE  . LYS A 1 72 ? -7.078  2.291   0.936   1.00 38.76 ? 646 LYS A CE  1 
ATOM   505 N NZ  . LYS A 1 72 ? -6.321  1.017   1.271   1.00 33.43 ? 646 LYS A NZ  1 
ATOM   506 N N   . ILE A 1 73 ? -2.639  2.597   2.185   1.00 27.32 ? 647 ILE A N   1 
ATOM   507 C CA  . ILE A 1 73 ? -2.295  1.222   2.528   1.00 27.25 ? 647 ILE A CA  1 
ATOM   508 C C   . ILE A 1 73 ? -3.038  0.884   3.807   1.00 30.89 ? 647 ILE A C   1 
ATOM   509 O O   . ILE A 1 73 ? -2.879  1.585   4.815   1.00 32.27 ? 647 ILE A O   1 
ATOM   510 C CB  . ILE A 1 73 ? -0.781  1.037   2.717   1.00 27.37 ? 647 ILE A CB  1 
ATOM   511 C CG1 . ILE A 1 73 ? 0.023   1.448   1.459   1.00 24.41 ? 647 ILE A CG1 1 
ATOM   512 C CG2 . ILE A 1 73 ? -0.484  -0.379  3.178   1.00 27.04 ? 647 ILE A CG2 1 
ATOM   513 C CD1 . ILE A 1 73 ? -0.323  0.691   0.179   1.00 24.82 ? 647 ILE A CD1 1 
ATOM   514 N N   . SER A 1 74 ? -3.839  -0.183  3.773   1.00 29.49 ? 648 SER A N   1 
ATOM   515 C CA  . SER A 1 74 ? -4.573  -0.667  4.941   1.00 28.94 ? 648 SER A CA  1 
ATOM   516 C C   . SER A 1 74 ? -3.865  -1.862  5.570   1.00 30.90 ? 648 SER A C   1 
ATOM   517 O O   . SER A 1 74 ? -3.571  -2.852  4.889   1.00 25.79 ? 648 SER A O   1 
ATOM   518 C CB  . SER A 1 74 ? -6.004  -1.062  4.571   1.00 29.63 ? 648 SER A CB  1 
ATOM   519 O OG  . SER A 1 74 ? -6.693  0.022   3.973   1.00 32.73 ? 648 SER A OG  1 
ATOM   520 N N   . ILE A 1 75 ? -3.641  -1.781  6.877   1.00 27.19 ? 649 ILE A N   1 
ATOM   521 C CA  . ILE A 1 75 ? -2.927  -2.788  7.656   1.00 30.98 ? 649 ILE A CA  1 
ATOM   522 C C   . ILE A 1 75 ? -3.888  -3.428  8.649   1.00 35.82 ? 649 ILE A C   1 
ATOM   523 O O   . ILE A 1 75 ? -4.662  -2.728  9.314   1.00 34.82 ? 649 ILE A O   1 
ATOM   524 C CB  . ILE A 1 75 ? -1.733  -2.157  8.397   1.00 33.04 ? 649 ILE A CB  1 
ATOM   525 C CG1 . ILE A 1 75 ? -0.768  -1.534  7.397   1.00 33.44 ? 649 ILE A CG1 1 
ATOM   526 C CG2 . ILE A 1 75 ? -0.997  -3.192  9.225   1.00 35.79 ? 649 ILE A CG2 1 
ATOM   527 C CD1 . ILE A 1 75 ? -0.115  -2.556  6.535   1.00 31.14 ? 649 ILE A CD1 1 
ATOM   528 N N   . TYR A 1 76 ? -3.815  -4.759  8.770   1.00 32.80 ? 650 TYR A N   1 
ATOM   529 C CA  . TYR A 1 76 ? -4.671  -5.527  9.672   1.00 34.96 ? 650 TYR A CA  1 
ATOM   530 C C   . TYR A 1 76 ? -4.186  -5.370  11.112  1.00 38.36 ? 650 TYR A C   1 
ATOM   531 O O   . TYR A 1 76 ? -3.067  -5.774  11.439  1.00 36.04 ? 650 TYR A O   1 
ATOM   532 C CB  . TYR A 1 76 ? -4.664  -6.999  9.255   1.00 33.24 ? 650 TYR A CB  1 
ATOM   533 C CG  . TYR A 1 76 ? -5.507  -7.952  10.102  1.00 38.14 ? 650 TYR A CG  1 
ATOM   534 C CD1 . TYR A 1 76 ? -6.785  -7.603  10.543  1.00 39.74 ? 650 TYR A CD1 1 
ATOM   535 C CD2 . TYR A 1 76 ? -5.027  -9.216  10.436  1.00 36.69 ? 650 TYR A CD2 1 
ATOM   536 C CE1 . TYR A 1 76 ? -7.552  -8.492  11.305  1.00 40.04 ? 650 TYR A CE1 1 
ATOM   537 C CE2 . TYR A 1 76 ? -5.783  -10.105 11.190  1.00 36.97 ? 650 TYR A CE2 1 
ATOM   538 C CZ  . TYR A 1 76 ? -7.037  -9.736  11.625  1.00 42.09 ? 650 TYR A CZ  1 
ATOM   539 O OH  . TYR A 1 76 ? -7.765  -10.632 12.378  1.00 45.88 ? 650 TYR A OH  1 
ATOM   540 N N   . LYS A 1 77 ? -5.027  -4.788  11.970  1.00 40.49 ? 651 LYS A N   1 
ATOM   541 C CA  . LYS A 1 77 ? -4.718  -4.635  13.392  1.00 42.83 ? 651 LYS A CA  1 
ATOM   542 C C   . LYS A 1 77 ? -5.954  -5.030  14.191  1.00 47.35 ? 651 LYS A C   1 
ATOM   543 O O   . LYS A 1 77 ? -6.814  -4.192  14.488  1.00 49.93 ? 651 LYS A O   1 
ATOM   544 C CB  . LYS A 1 77 ? -4.287  -3.205  13.722  1.00 46.34 ? 651 LYS A CB  1 
ATOM   545 C CG  . LYS A 1 77 ? -3.035  -2.716  12.995  1.00 44.60 ? 651 LYS A CG  1 
ATOM   546 C CD  . LYS A 1 77 ? -1.799  -3.549  13.351  1.00 48.15 ? 651 LYS A CD  1 
ATOM   547 C CE  . LYS A 1 77 ? -1.200  -3.150  14.708  1.00 53.51 ? 651 LYS A CE  1 
ATOM   548 N NZ  . LYS A 1 77 ? -0.227  -4.170  15.224  1.00 53.17 ? 651 LYS A NZ  1 
ATOM   549 N N   . PRO A 1 78 ? -6.078  -6.302  14.552  1.00 46.62 ? 652 PRO A N   1 
ATOM   550 C CA  . PRO A 1 78 ? -7.332  -6.783  15.136  1.00 50.42 ? 652 PRO A CA  1 
ATOM   551 C C   . PRO A 1 78 ? -7.434  -6.439  16.614  1.00 54.28 ? 652 PRO A C   1 
ATOM   552 O O   . PRO A 1 78 ? -6.442  -6.151  17.289  1.00 53.89 ? 652 PRO A O   1 
ATOM   553 C CB  . PRO A 1 78 ? -7.262  -8.297  14.917  1.00 47.91 ? 652 PRO A CB  1 
ATOM   554 C CG  . PRO A 1 78 ? -5.794  -8.601  14.911  1.00 47.18 ? 652 PRO A CG  1 
ATOM   555 C CD  . PRO A 1 78 ? -5.061  -7.365  14.465  1.00 45.10 ? 652 PRO A CD  1 
ATOM   556 N N   . LYS A 1 79 ? -8.671  -6.458  17.106  1.00 60.53 ? 653 LYS A N   1 
ATOM   557 C CA  . LYS A 1 79 ? -8.955  -6.108  18.498  1.00 62.88 ? 653 LYS A CA  1 
ATOM   558 C C   . LYS A 1 79 ? -8.758  -7.308  19.429  1.00 63.16 ? 653 LYS A C   1 
ATOM   559 O O   . LYS A 1 79 ? -7.918  -7.273  20.334  1.00 65.60 ? 653 LYS A O   1 
ATOM   560 C CB  . LYS A 1 79 ? -10.379 -5.555  18.631  1.00 61.55 ? 653 LYS A CB  1 
ATOM   561 C CG  . LYS A 1 79 ? -11.047 -5.839  19.974  1.00 66.95 ? 653 LYS A CG  1 
ATOM   562 C CD  . LYS A 1 79 ? -10.580 -4.879  21.067  1.00 68.09 ? 653 LYS A CD  1 
ATOM   563 C CE  . LYS A 1 79 ? -11.221 -5.217  22.410  1.00 65.24 ? 653 LYS A CE  1 
ATOM   564 N NZ  . LYS A 1 79 ? -10.247 -5.169  23.541  1.00 60.59 ? 653 LYS A NZ  1 
HETATM 565 O O   . HOH B 2 .  ? -2.246  -10.591 16.234  1.00 45.17 ? 701 HOH A O   1 
HETATM 566 O O   . HOH B 2 .  ? 9.273   -6.978  5.788   1.00 40.09 ? 702 HOH A O   1 
HETATM 567 O O   . HOH B 2 .  ? -6.416  -5.002  -9.751  1.00 33.02 ? 703 HOH A O   1 
HETATM 568 O O   . HOH B 2 .  ? -8.304  2.500   -5.334  1.00 41.47 ? 704 HOH A O   1 
HETATM 569 O O   . HOH B 2 .  ? -5.495  4.350   -10.262 1.00 42.34 ? 705 HOH A O   1 
HETATM 570 O O   . HOH B 2 .  ? -6.540  -13.368 10.663  1.00 39.74 ? 706 HOH A O   1 
HETATM 571 O O   . HOH B 2 .  ? 1.954   9.561   -5.716  1.00 43.50 ? 707 HOH A O   1 
HETATM 572 O O   . HOH B 2 .  ? 4.304   10.862  -4.465  1.00 43.59 ? 708 HOH A O   1 
HETATM 573 O O   . HOH B 2 .  ? -5.925  2.348   -13.699 1.00 36.86 ? 709 HOH A O   1 
HETATM 574 O O   . HOH B 2 .  ? 10.225  8.427   -3.566  1.00 31.29 ? 710 HOH A O   1 
HETATM 575 O O   . HOH B 2 .  ? -8.489  -12.313 9.472   1.00 38.30 ? 711 HOH A O   1 
HETATM 576 O O   . HOH B 2 .  ? -5.853  3.863   11.187  1.00 48.16 ? 712 HOH A O   1 
HETATM 577 O O   . HOH B 2 .  ? -5.214  10.370  -5.406  1.00 44.87 ? 713 HOH A O   1 
HETATM 578 O O   . HOH B 2 .  ? -0.272  7.696   7.313   1.00 41.08 ? 714 HOH A O   1 
HETATM 579 O O   . HOH B 2 .  ? -12.149 -14.703 4.747   1.00 38.56 ? 715 HOH A O   1 
HETATM 580 O O   . HOH B 2 .  ? 2.621   -8.587  -1.787  1.00 36.54 ? 716 HOH A O   1 
HETATM 581 O O   . HOH B 2 .  ? -8.405  -16.247 10.313  1.00 35.17 ? 717 HOH A O   1 
HETATM 582 O O   . HOH B 2 .  ? 6.264   -3.788  9.079   1.00 29.45 ? 718 HOH A O   1 
HETATM 583 O O   . HOH B 2 .  ? -5.248  -4.662  -4.869  1.00 28.79 ? 719 HOH A O   1 
HETATM 584 O O   . HOH B 2 .  ? 8.681   3.585   -11.082 1.00 42.10 ? 720 HOH A O   1 
HETATM 585 O O   . HOH B 2 .  ? -7.454  1.583   -8.336  1.00 38.38 ? 721 HOH A O   1 
HETATM 586 O O   . HOH B 2 .  ? -8.975  0.138   -3.447  1.00 41.81 ? 722 HOH A O   1 
HETATM 587 O O   . HOH B 2 .  ? 4.624   -0.399  -14.448 1.00 36.21 ? 723 HOH A O   1 
HETATM 588 O O   . HOH B 2 .  ? -11.847 -1.328  10.282  1.00 41.83 ? 724 HOH A O   1 
HETATM 589 O O   . HOH B 2 .  ? 9.948   9.946   0.646   1.00 39.57 ? 725 HOH A O   1 
HETATM 590 O O   . HOH B 2 .  ? 14.289  -1.474  10.049  1.00 44.08 ? 726 HOH A O   1 
HETATM 591 O O   . HOH B 2 .  ? -6.866  -3.775  -2.501  1.00 33.48 ? 727 HOH A O   1 
HETATM 592 O O   . HOH B 2 .  ? -1.978  -12.587 13.501  1.00 40.90 ? 728 HOH A O   1 
HETATM 593 O O   . HOH B 2 .  ? -9.992  -5.481  4.947   1.00 44.05 ? 729 HOH A O   1 
HETATM 594 O O   . HOH B 2 .  ? 8.588   -5.367  9.634   1.00 40.89 ? 730 HOH A O   1 
HETATM 595 O O   . HOH B 2 .  ? 6.315   -8.967  -2.363  1.00 44.00 ? 731 HOH A O   1 
HETATM 596 O O   . HOH B 2 .  ? 3.514   0.691   -16.595 1.00 43.94 ? 732 HOH A O   1 
HETATM 597 O O   . HOH B 2 .  ? 10.910  8.574   3.386   1.00 38.57 ? 733 HOH A O   1 
HETATM 598 O O   . HOH B 2 .  ? -12.767 -8.688  5.523   1.00 45.53 ? 734 HOH A O   1 
HETATM 599 O O   . HOH B 2 .  ? 12.946  6.160   -7.760  1.00 45.12 ? 735 HOH A O   1 
HETATM 600 O O   . HOH B 2 .  ? -5.291  -12.301 2.313   1.00 47.32 ? 736 HOH A O   1 
HETATM 601 O O   . HOH B 2 .  ? 5.224   -11.901 0.960   1.00 42.71 ? 737 HOH A O   1 
HETATM 602 O O   . HOH B 2 .  ? -7.597  -7.782  -2.263  1.00 46.10 ? 738 HOH A O   1 
# 
